data_6R5Y
#
_entry.id   6R5Y
#
_cell.length_a   97.721
_cell.length_b   127.167
_cell.length_c   72.958
_cell.angle_alpha   90.00
_cell.angle_beta   90.00
_cell.angle_gamma   90.00
#
_symmetry.space_group_name_H-M   'P 21 21 2'
#
loop_
_entity.id
_entity.type
_entity.pdbx_description
1 polymer 'WD-40 repeat protein'
2 non-polymer 'ZINC ION'
3 water water
#
_entity_poly.entity_id   1
_entity_poly.type   'polypeptide(L)'
_entity_poly.pdbx_seq_one_letter_code
;GAMGSSSVWGVAFSPDGQTIASASDDKTVKLWNRNGQLLQTLTGHSSSVWGVAFSPDGQTIASASDDKTVKLWNRNGQLL
QTLTGHSSSVWGVAFSPDGQTIASASDDKTVKLWNRNGQLLQTLTGHSSSVWGVAFSPDGQTIASASDDKTVKLWNRNGQ
LLQTLTGH
;
_entity_poly.pdbx_strand_id   A,B,C,D,E,F
#
loop_
_chem_comp.id
_chem_comp.type
_chem_comp.name
_chem_comp.formula
ZN non-polymer 'ZINC ION' 'Zn 2'
#
# COMPACT_ATOMS: atom_id res chain seq x y z
N ALA A 2 -7.11 -4.24 6.68
CA ALA A 2 -8.52 -3.87 6.93
C ALA A 2 -9.30 -4.08 5.61
N MET A 3 -10.04 -5.18 5.53
CA MET A 3 -10.70 -5.58 4.29
C MET A 3 -12.08 -4.95 4.30
N GLY A 4 -12.77 -5.00 3.18
CA GLY A 4 -14.19 -4.61 3.21
C GLY A 4 -15.04 -5.58 4.05
N SER A 5 -16.35 -5.45 3.95
CA SER A 5 -17.24 -6.51 4.44
C SER A 5 -18.37 -6.65 3.41
N SER A 6 -18.78 -7.86 3.11
CA SER A 6 -19.75 -8.10 2.07
C SER A 6 -20.66 -9.26 2.37
N SER A 7 -21.87 -9.22 1.79
CA SER A 7 -22.83 -10.30 1.86
C SER A 7 -22.47 -11.50 0.93
N VAL A 8 -21.39 -11.42 0.16
CA VAL A 8 -21.23 -12.41 -0.92
C VAL A 8 -20.81 -13.81 -0.46
N TRP A 9 -20.28 -13.96 0.75
CA TRP A 9 -19.84 -15.24 1.31
C TRP A 9 -20.89 -15.86 2.21
N GLY A 10 -22.00 -15.14 2.43
CA GLY A 10 -23.12 -15.63 3.23
C GLY A 10 -22.98 -15.57 4.73
N VAL A 11 -21.97 -14.88 5.22
CA VAL A 11 -21.71 -14.82 6.63
C VAL A 11 -21.37 -13.40 6.97
N ALA A 12 -21.88 -12.91 8.09
CA ALA A 12 -21.59 -11.54 8.51
C ALA A 12 -21.29 -11.62 10.00
N PHE A 13 -20.02 -11.84 10.27
CA PHE A 13 -19.47 -11.75 11.60
C PHE A 13 -19.18 -10.26 11.88
N SER A 14 -19.41 -9.83 13.11
CA SER A 14 -18.89 -8.56 13.59
C SER A 14 -17.36 -8.65 13.65
N PRO A 15 -16.67 -7.51 13.66
CA PRO A 15 -15.18 -7.51 13.65
C PRO A 15 -14.51 -8.24 14.80
N ASP A 16 -15.18 -8.29 15.95
CA ASP A 16 -14.67 -9.07 17.08
C ASP A 16 -15.19 -10.52 17.12
N GLY A 17 -16.07 -10.89 16.19
CA GLY A 17 -16.58 -12.26 16.11
C GLY A 17 -17.57 -12.64 17.20
N GLN A 18 -18.01 -11.65 17.97
CA GLN A 18 -18.94 -11.88 19.07
C GLN A 18 -20.40 -11.77 18.64
N THR A 19 -20.66 -11.18 17.49
CA THR A 19 -22.03 -11.05 17.00
C THR A 19 -22.06 -11.59 15.60
N ILE A 20 -23.19 -12.18 15.24
CA ILE A 20 -23.38 -12.63 13.89
C ILE A 20 -24.82 -12.17 13.41
N ALA A 21 -24.89 -11.60 12.20
CA ALA A 21 -26.16 -11.13 11.61
C ALA A 21 -26.63 -12.09 10.54
N SER A 22 -27.93 -12.36 10.53
CA SER A 22 -28.51 -13.28 9.55
C SER A 22 -29.84 -12.73 9.02
N ALA A 23 -30.05 -12.86 7.73
CA ALA A 23 -31.29 -12.49 7.09
C ALA A 23 -32.29 -13.59 7.51
N SER A 24 -33.42 -13.21 8.12
CA SER A 24 -34.45 -14.17 8.55
C SER A 24 -35.42 -14.39 7.46
N ASP A 25 -36.27 -15.41 7.64
CA ASP A 25 -37.27 -15.76 6.65
C ASP A 25 -38.56 -14.94 6.79
N ASP A 26 -38.57 -13.96 7.69
CA ASP A 26 -39.76 -13.13 7.95
C ASP A 26 -39.58 -11.58 7.73
N LYS A 27 -38.75 -11.11 6.78
CA LYS A 27 -38.53 -9.66 6.53
C LYS A 27 -37.72 -8.98 7.64
N THR A 28 -37.08 -9.75 8.50
CA THR A 28 -36.24 -9.21 9.57
C THR A 28 -34.80 -9.65 9.40
N VAL A 29 -33.92 -8.94 10.10
CA VAL A 29 -32.54 -9.37 10.32
C VAL A 29 -32.43 -9.67 11.80
N LYS A 30 -31.74 -10.75 12.14
CA LYS A 30 -31.53 -11.09 13.52
C LYS A 30 -30.05 -11.02 13.84
N LEU A 31 -29.74 -10.49 15.01
CA LEU A 31 -28.40 -10.51 15.57
C LEU A 31 -28.30 -11.54 16.65
N TRP A 32 -27.29 -12.41 16.53
CA TRP A 32 -27.07 -13.48 17.48
C TRP A 32 -25.71 -13.34 18.14
N ASN A 33 -25.58 -13.78 19.39
CA ASN A 33 -24.26 -13.95 19.97
C ASN A 33 -23.74 -15.30 19.51
N ARG A 34 -22.48 -15.55 19.81
CA ARG A 34 -21.81 -16.73 19.36
C ARG A 34 -22.38 -18.03 19.96
N ASN A 35 -23.09 -17.92 21.08
CA ASN A 35 -23.77 -19.03 21.74
C ASN A 35 -25.17 -19.33 21.22
N GLY A 36 -25.57 -18.68 20.14
CA GLY A 36 -26.89 -18.91 19.57
C GLY A 36 -28.02 -18.17 20.23
N GLN A 37 -27.73 -17.28 21.18
CA GLN A 37 -28.78 -16.44 21.78
C GLN A 37 -29.12 -15.20 20.94
N LEU A 38 -30.42 -14.97 20.75
CA LEU A 38 -30.91 -13.82 19.99
C LEU A 38 -30.69 -12.54 20.78
N LEU A 39 -30.02 -11.58 20.18
CA LEU A 39 -29.75 -10.28 20.81
C LEU A 39 -30.70 -9.15 20.35
N GLN A 40 -30.94 -9.08 19.04
CA GLN A 40 -31.74 -8.05 18.40
C GLN A 40 -32.51 -8.60 17.18
N THR A 41 -33.74 -8.13 16.96
CA THR A 41 -34.44 -8.34 15.71
C THR A 41 -34.58 -6.98 15.07
N LEU A 42 -34.13 -6.87 13.82
CA LEU A 42 -34.23 -5.64 13.08
C LEU A 42 -35.45 -5.68 12.17
N THR A 43 -36.47 -4.89 12.53
CA THR A 43 -37.78 -4.86 11.89
C THR A 43 -37.95 -3.57 11.15
N GLY A 44 -38.43 -3.66 9.91
CA GLY A 44 -38.68 -2.48 9.12
C GLY A 44 -38.79 -2.74 7.65
N HIS A 45 -38.06 -3.74 7.14
CA HIS A 45 -38.20 -4.09 5.73
C HIS A 45 -39.63 -4.58 5.48
N SER A 46 -40.17 -4.26 4.30
CA SER A 46 -41.54 -4.64 3.97
C SER A 46 -41.57 -5.82 3.02
N SER A 47 -40.42 -6.43 2.78
CA SER A 47 -40.37 -7.69 2.08
C SER A 47 -39.10 -8.49 2.48
N SER A 48 -38.88 -9.62 1.81
CA SER A 48 -37.74 -10.51 2.13
C SER A 48 -36.41 -9.80 2.21
N VAL A 49 -35.58 -10.23 3.16
CA VAL A 49 -34.23 -9.72 3.31
C VAL A 49 -33.32 -10.77 2.69
N TRP A 50 -32.45 -10.33 1.77
CA TRP A 50 -31.58 -11.22 1.07
C TRP A 50 -30.10 -11.17 1.51
N GLY A 51 -29.58 -10.01 1.80
CA GLY A 51 -28.14 -9.88 2.11
C GLY A 51 -27.95 -9.01 3.35
N VAL A 52 -26.93 -9.36 4.13
CA VAL A 52 -26.55 -8.59 5.32
C VAL A 52 -25.03 -8.43 5.37
N ALA A 53 -24.58 -7.32 5.96
CA ALA A 53 -23.14 -7.09 6.17
C ALA A 53 -22.96 -6.30 7.49
N PHE A 54 -21.89 -6.57 8.25
CA PHE A 54 -21.40 -5.63 9.29
C PHE A 54 -20.42 -4.64 8.74
N SER A 55 -20.48 -3.40 9.20
CA SER A 55 -19.43 -2.47 8.92
C SER A 55 -18.16 -2.96 9.64
N PRO A 56 -16.98 -2.67 9.09
CA PRO A 56 -15.75 -2.91 9.85
C PRO A 56 -15.67 -2.14 11.19
N ASP A 57 -16.39 -1.04 11.30
CA ASP A 57 -16.65 -0.33 12.60
C ASP A 57 -17.35 -1.20 13.65
N GLY A 58 -18.00 -2.25 13.19
CA GLY A 58 -18.82 -3.11 14.03
C GLY A 58 -20.08 -2.47 14.58
N GLN A 59 -20.27 -1.17 14.33
CA GLN A 59 -21.43 -0.47 14.86
C GLN A 59 -22.61 -0.45 13.92
N THR A 60 -22.40 -0.61 12.63
CA THR A 60 -23.48 -0.53 11.68
C THR A 60 -23.70 -1.86 10.98
N ILE A 61 -24.96 -2.15 10.71
CA ILE A 61 -25.33 -3.33 9.95
C ILE A 61 -26.12 -2.88 8.75
N ALA A 62 -25.85 -3.50 7.60
CA ALA A 62 -26.62 -3.17 6.40
C ALA A 62 -27.40 -4.40 5.99
N SER A 63 -28.60 -4.16 5.47
CA SER A 63 -29.48 -5.21 4.98
C SER A 63 -30.05 -4.86 3.62
N ALA A 64 -30.07 -5.83 2.74
CA ALA A 64 -30.57 -5.65 1.38
C ALA A 64 -31.85 -6.44 1.26
N SER A 65 -32.86 -5.81 0.67
CA SER A 65 -34.20 -6.38 0.65
C SER A 65 -34.88 -6.34 -0.71
N ASP A 66 -35.78 -7.32 -0.85
CA ASP A 66 -36.70 -7.40 -1.97
C ASP A 66 -37.57 -6.15 -2.09
N ASP A 67 -37.69 -5.40 -1.01
CA ASP A 67 -38.48 -4.17 -1.02
C ASP A 67 -37.74 -2.99 -1.72
N LYS A 68 -36.62 -3.28 -2.38
CA LYS A 68 -35.85 -2.35 -3.21
C LYS A 68 -34.98 -1.39 -2.42
N THR A 69 -34.87 -1.62 -1.13
CA THR A 69 -34.07 -0.73 -0.30
C THR A 69 -32.92 -1.46 0.37
N VAL A 70 -31.95 -0.67 0.81
CA VAL A 70 -30.99 -1.12 1.79
C VAL A 70 -31.29 -0.35 3.05
N LYS A 71 -31.27 -1.03 4.19
CA LYS A 71 -31.40 -0.34 5.45
C LYS A 71 -30.13 -0.46 6.26
N LEU A 72 -29.83 0.64 6.96
CA LEU A 72 -28.69 0.69 7.87
C LEU A 72 -29.20 0.76 9.28
N TRP A 73 -28.61 -0.08 10.12
CA TRP A 73 -29.03 -0.20 11.50
C TRP A 73 -27.86 -0.08 12.44
N ASN A 74 -28.10 0.40 13.65
CA ASN A 74 -27.04 0.32 14.64
C ASN A 74 -27.14 -1.03 15.33
N ARG A 75 -26.11 -1.33 16.07
CA ARG A 75 -25.96 -2.61 16.71
C ARG A 75 -27.00 -2.86 17.80
N ASN A 76 -27.62 -1.79 18.33
CA ASN A 76 -28.66 -1.93 19.33
C ASN A 76 -30.05 -2.01 18.68
N GLY A 77 -30.11 -2.21 17.37
CA GLY A 77 -31.36 -2.55 16.68
C GLY A 77 -32.11 -1.39 16.08
N GLN A 78 -31.57 -0.20 16.22
CA GLN A 78 -32.25 1.02 15.76
C GLN A 78 -32.02 1.20 14.25
N LEU A 79 -33.09 1.46 13.51
CA LEU A 79 -32.99 1.87 12.11
C LEU A 79 -32.36 3.26 12.00
N LEU A 80 -31.30 3.37 11.21
CA LEU A 80 -30.60 4.64 11.02
C LEU A 80 -30.95 5.30 9.70
N GLN A 81 -30.92 4.54 8.62
CA GLN A 81 -31.18 5.07 7.29
C GLN A 81 -31.81 4.02 6.41
N THR A 82 -32.61 4.51 5.47
CA THR A 82 -33.11 3.69 4.39
C THR A 82 -32.57 4.27 3.10
N LEU A 83 -31.87 3.43 2.32
CA LEU A 83 -31.26 3.87 1.06
C LEU A 83 -32.18 3.46 -0.07
N THR A 84 -32.78 4.46 -0.68
CA THR A 84 -33.76 4.27 -1.71
C THR A 84 -33.22 4.78 -3.03
N GLY A 85 -33.58 4.09 -4.09
CA GLY A 85 -33.14 4.46 -5.41
C GLY A 85 -33.17 3.29 -6.38
N HIS A 86 -32.87 2.08 -5.91
CA HIS A 86 -32.94 0.94 -6.78
C HIS A 86 -34.38 0.78 -7.26
N SER A 87 -34.54 0.33 -8.48
CA SER A 87 -35.87 0.13 -9.04
C SER A 87 -36.35 -1.33 -8.94
N SER A 88 -35.54 -2.18 -8.35
CA SER A 88 -35.92 -3.58 -8.16
C SER A 88 -35.22 -4.17 -6.92
N SER A 89 -35.44 -5.45 -6.65
CA SER A 89 -34.83 -6.11 -5.51
C SER A 89 -33.36 -5.78 -5.37
N VAL A 90 -32.94 -5.64 -4.12
CA VAL A 90 -31.53 -5.53 -3.79
C VAL A 90 -31.09 -6.87 -3.22
N TRP A 91 -30.09 -7.49 -3.85
CA TRP A 91 -29.61 -8.84 -3.44
C TRP A 91 -28.44 -8.79 -2.47
N GLY A 92 -27.58 -7.79 -2.64
CA GLY A 92 -26.27 -7.83 -1.98
C GLY A 92 -25.92 -6.46 -1.48
N VAL A 93 -25.10 -6.44 -0.44
CA VAL A 93 -24.67 -5.21 0.15
C VAL A 93 -23.26 -5.39 0.72
N ALA A 94 -22.46 -4.34 0.65
CA ALA A 94 -21.10 -4.35 1.19
C ALA A 94 -20.65 -3.00 1.71
N PHE A 95 -19.73 -3.03 2.67
CA PHE A 95 -19.15 -1.81 3.22
C PHE A 95 -17.71 -1.66 2.74
N SER A 96 -17.30 -0.41 2.51
CA SER A 96 -15.90 -0.11 2.27
C SER A 96 -15.10 -0.42 3.53
N PRO A 97 -13.78 -0.55 3.40
CA PRO A 97 -12.99 -0.86 4.56
C PRO A 97 -13.08 0.13 5.75
N ASP A 98 -13.32 1.41 5.49
CA ASP A 98 -13.56 2.37 6.59
C ASP A 98 -15.00 2.44 7.06
N GLY A 99 -15.86 1.67 6.42
CA GLY A 99 -17.28 1.67 6.75
C GLY A 99 -18.14 2.85 6.27
N GLN A 100 -17.53 3.84 5.60
CA GLN A 100 -18.21 5.09 5.26
C GLN A 100 -18.87 5.04 3.91
N THR A 101 -18.51 4.07 3.07
CA THR A 101 -19.22 3.85 1.80
C THR A 101 -19.89 2.51 1.82
N ILE A 102 -21.10 2.48 1.28
CA ILE A 102 -21.88 1.25 1.14
C ILE A 102 -22.13 1.02 -0.34
N ALA A 103 -22.02 -0.23 -0.75
CA ALA A 103 -22.31 -0.62 -2.11
C ALA A 103 -23.48 -1.59 -2.09
N SER A 104 -24.42 -1.39 -3.01
CA SER A 104 -25.57 -2.27 -3.12
C SER A 104 -25.65 -2.87 -4.53
N ALA A 105 -26.03 -4.14 -4.59
CA ALA A 105 -26.15 -4.90 -5.83
C ALA A 105 -27.63 -5.32 -6.08
N SER A 106 -28.16 -4.92 -7.23
CA SER A 106 -29.59 -5.01 -7.47
C SER A 106 -29.95 -5.76 -8.73
N ASP A 107 -31.12 -6.38 -8.65
CA ASP A 107 -31.81 -6.94 -9.79
C ASP A 107 -32.01 -5.93 -10.93
N ASP A 108 -32.00 -4.63 -10.63
CA ASP A 108 -32.15 -3.58 -11.67
C ASP A 108 -30.91 -3.36 -12.52
N LYS A 109 -29.92 -4.25 -12.37
CA LYS A 109 -28.70 -4.29 -13.21
C LYS A 109 -27.64 -3.28 -12.83
N THR A 110 -27.79 -2.64 -11.68
CA THR A 110 -26.83 -1.62 -11.27
C THR A 110 -26.26 -1.91 -9.92
N VAL A 111 -25.05 -1.41 -9.68
CA VAL A 111 -24.53 -1.27 -8.36
C VAL A 111 -24.66 0.21 -7.98
N LYS A 112 -25.09 0.47 -6.77
CA LYS A 112 -25.14 1.84 -6.28
C LYS A 112 -24.19 1.99 -5.09
N LEU A 113 -23.53 3.14 -5.03
CA LEU A 113 -22.64 3.53 -3.93
C LEU A 113 -23.23 4.70 -3.13
N TRP A 114 -23.22 4.53 -1.81
CA TRP A 114 -23.90 5.44 -0.88
C TRP A 114 -22.97 5.80 0.25
N ASN A 115 -23.21 6.94 0.88
CA ASN A 115 -22.61 7.23 2.17
C ASN A 115 -23.54 6.82 3.32
N ARG A 116 -23.04 6.89 4.55
CA ARG A 116 -23.80 6.50 5.73
C ARG A 116 -24.97 7.39 6.07
N ASN A 117 -25.02 8.64 5.57
CA ASN A 117 -26.26 9.46 5.75
C ASN A 117 -27.26 9.17 4.64
N GLY A 118 -27.05 8.12 3.85
CA GLY A 118 -28.04 7.66 2.89
C GLY A 118 -28.02 8.33 1.54
N GLN A 119 -27.01 9.16 1.30
CA GLN A 119 -26.91 9.89 0.04
C GLN A 119 -26.33 9.01 -1.07
N LEU A 120 -27.01 9.01 -2.22
CA LEU A 120 -26.55 8.26 -3.36
C LEU A 120 -25.35 8.99 -3.96
N LEU A 121 -24.22 8.31 -4.05
CA LEU A 121 -22.99 8.91 -4.59
C LEU A 121 -22.78 8.59 -6.06
N GLN A 122 -23.05 7.35 -6.46
CA GLN A 122 -22.75 6.85 -7.80
C GLN A 122 -23.66 5.69 -8.14
N THR A 123 -23.97 5.56 -9.42
CA THR A 123 -24.63 4.37 -9.95
C THR A 123 -23.69 3.76 -10.99
N LEU A 124 -23.33 2.49 -10.80
CA LEU A 124 -22.46 1.79 -11.76
C LEU A 124 -23.33 1.00 -12.73
N THR A 125 -23.33 1.42 -13.99
CA THR A 125 -24.18 0.79 -15.01
C THR A 125 -23.29 0.14 -16.05
N GLY A 126 -23.74 -0.97 -16.61
CA GLY A 126 -22.90 -1.72 -17.55
C GLY A 126 -23.26 -3.17 -17.59
N HIS A 127 -23.66 -3.74 -16.46
CA HIS A 127 -24.14 -5.12 -16.46
C HIS A 127 -25.43 -5.21 -17.25
N SER A 128 -25.58 -6.26 -18.05
CA SER A 128 -26.78 -6.46 -18.85
C SER A 128 -27.85 -7.28 -18.10
N SER A 129 -27.60 -7.58 -16.85
CA SER A 129 -28.48 -8.44 -16.10
C SER A 129 -28.39 -8.19 -14.60
N SER A 130 -29.29 -8.79 -13.85
CA SER A 130 -29.29 -8.71 -12.39
C SER A 130 -27.87 -8.83 -11.81
N VAL A 131 -27.54 -7.92 -10.90
CA VAL A 131 -26.26 -7.93 -10.18
C VAL A 131 -26.51 -8.50 -8.78
N TRP A 132 -25.89 -9.62 -8.46
CA TRP A 132 -26.19 -10.29 -7.20
C TRP A 132 -25.15 -10.07 -6.12
N GLY A 133 -23.93 -9.75 -6.53
CA GLY A 133 -22.80 -9.65 -5.60
C GLY A 133 -21.98 -8.41 -5.82
N VAL A 134 -21.50 -7.84 -4.73
CA VAL A 134 -20.60 -6.70 -4.80
C VAL A 134 -19.63 -6.72 -3.61
N ALA A 135 -18.39 -6.29 -3.85
CA ALA A 135 -17.40 -6.22 -2.82
C ALA A 135 -16.36 -5.11 -3.10
N PHE A 136 -15.84 -4.50 -2.04
CA PHE A 136 -14.73 -3.56 -2.14
C PHE A 136 -13.37 -4.21 -2.00
N SER A 137 -12.38 -3.57 -2.65
CA SER A 137 -10.99 -3.77 -2.33
C SER A 137 -10.59 -3.14 -1.02
N PRO A 138 -9.57 -3.71 -0.37
CA PRO A 138 -8.85 -3.02 0.71
C PRO A 138 -8.48 -1.55 0.44
N ASP A 139 -8.15 -1.18 -0.79
CA ASP A 139 -7.81 0.23 -1.06
C ASP A 139 -9.02 1.13 -0.97
N GLY A 140 -10.18 0.50 -0.99
CA GLY A 140 -11.39 1.20 -0.75
C GLY A 140 -11.78 2.02 -1.98
N GLN A 141 -10.92 2.03 -3.00
CA GLN A 141 -11.15 2.80 -4.22
C GLN A 141 -11.80 1.93 -5.28
N THR A 142 -11.65 0.62 -5.17
CA THR A 142 -11.94 -0.29 -6.25
C THR A 142 -13.04 -1.27 -5.84
N ILE A 143 -13.94 -1.55 -6.78
CA ILE A 143 -15.15 -2.34 -6.52
C ILE A 143 -15.29 -3.48 -7.54
N ALA A 144 -15.64 -4.66 -7.05
CA ALA A 144 -15.98 -5.77 -7.93
C ALA A 144 -17.47 -6.12 -7.80
N SER A 145 -18.11 -6.42 -8.95
CA SER A 145 -19.53 -6.83 -8.99
C SER A 145 -19.69 -8.07 -9.86
N ALA A 146 -20.64 -8.91 -9.49
CA ALA A 146 -20.93 -10.13 -10.21
C ALA A 146 -22.41 -10.14 -10.59
N SER A 147 -22.68 -10.57 -11.81
CA SER A 147 -24.00 -10.52 -12.40
C SER A 147 -24.45 -11.86 -13.03
N ASP A 148 -25.75 -12.04 -13.16
CA ASP A 148 -26.31 -13.16 -13.92
C ASP A 148 -25.92 -13.12 -15.39
N ASP A 149 -25.45 -11.99 -15.92
CA ASP A 149 -24.92 -11.96 -17.28
C ASP A 149 -23.64 -12.79 -17.38
N LYS A 150 -23.29 -13.49 -16.30
CA LYS A 150 -22.10 -14.35 -16.20
C LYS A 150 -20.79 -13.57 -16.27
N THR A 151 -20.81 -12.28 -15.93
CA THR A 151 -19.60 -11.49 -15.93
C THR A 151 -19.29 -10.91 -14.57
N VAL A 152 -18.01 -10.60 -14.37
CA VAL A 152 -17.56 -9.89 -13.20
C VAL A 152 -16.94 -8.64 -13.74
N LYS A 153 -17.27 -7.52 -13.14
CA LYS A 153 -16.75 -6.24 -13.56
C LYS A 153 -16.01 -5.60 -12.40
N LEU A 154 -14.93 -4.90 -12.76
CA LEU A 154 -14.13 -4.15 -11.83
C LEU A 154 -14.26 -2.67 -12.10
N TRP A 155 -14.52 -1.89 -11.04
CA TRP A 155 -14.81 -0.47 -11.19
C TRP A 155 -13.99 0.36 -10.24
N ASN A 156 -13.79 1.63 -10.62
CA ASN A 156 -13.37 2.65 -9.66
C ASN A 156 -14.55 3.25 -8.88
N ARG A 157 -14.32 3.94 -7.79
CA ARG A 157 -15.48 4.42 -7.13
C ARG A 157 -16.01 5.74 -7.71
N ASN A 158 -15.34 6.35 -8.68
CA ASN A 158 -15.95 7.42 -9.49
C ASN A 158 -16.84 6.80 -10.60
N GLY A 159 -17.02 5.50 -10.52
CA GLY A 159 -18.01 4.82 -11.30
C GLY A 159 -17.58 4.46 -12.70
N GLN A 160 -16.29 4.59 -12.99
CA GLN A 160 -15.77 4.12 -14.27
C GLN A 160 -15.46 2.61 -14.26
N LEU A 161 -15.86 1.95 -15.33
CA LEU A 161 -15.54 0.55 -15.56
C LEU A 161 -14.05 0.40 -15.92
N LEU A 162 -13.34 -0.42 -15.17
CA LEU A 162 -11.91 -0.64 -15.39
C LEU A 162 -11.67 -1.87 -16.23
N GLN A 163 -12.36 -2.96 -15.90
CA GLN A 163 -12.22 -4.19 -16.62
C GLN A 163 -13.42 -5.09 -16.45
N THR A 164 -13.63 -5.96 -17.42
CA THR A 164 -14.61 -7.02 -17.30
C THR A 164 -13.75 -8.26 -17.17
N LEU A 165 -13.77 -8.85 -15.99
CA LEU A 165 -12.77 -9.84 -15.63
C LEU A 165 -13.15 -11.22 -16.04
N THR A 166 -14.44 -11.48 -16.10
CA THR A 166 -14.92 -12.71 -16.67
C THR A 166 -16.06 -12.35 -17.56
N GLY A 167 -16.16 -13.01 -18.69
CA GLY A 167 -17.22 -12.72 -19.60
C GLY A 167 -16.80 -11.64 -20.52
N HIS A 168 -17.78 -11.11 -21.23
CA HIS A 168 -17.58 -10.05 -22.19
C HIS A 168 -18.69 -9.02 -21.96
N SER B 7 -24.86 -19.29 -8.50
CA SER B 7 -23.46 -18.78 -8.72
C SER B 7 -22.86 -18.25 -7.42
N VAL B 8 -21.57 -18.46 -7.28
CA VAL B 8 -20.81 -18.10 -6.10
C VAL B 8 -19.73 -17.07 -6.41
N TRP B 9 -19.24 -16.43 -5.37
CA TRP B 9 -18.36 -15.31 -5.58
C TRP B 9 -16.98 -15.78 -6.01
N GLY B 10 -16.47 -15.18 -7.07
CA GLY B 10 -15.27 -15.70 -7.75
C GLY B 10 -14.11 -14.71 -7.82
N VAL B 11 -14.00 -13.82 -6.85
CA VAL B 11 -13.02 -12.75 -6.89
C VAL B 11 -12.44 -12.62 -5.50
N ALA B 12 -11.12 -12.39 -5.41
CA ALA B 12 -10.46 -12.06 -4.15
C ALA B 12 -9.39 -10.98 -4.26
N PHE B 13 -9.30 -10.14 -3.24
CA PHE B 13 -8.26 -9.10 -3.21
C PHE B 13 -7.06 -9.48 -2.39
N SER B 14 -5.88 -9.10 -2.84
CA SER B 14 -4.69 -9.20 -2.02
C SER B 14 -4.87 -8.21 -0.87
N PRO B 15 -4.09 -8.37 0.22
CA PRO B 15 -4.26 -7.54 1.40
C PRO B 15 -4.14 -6.01 1.16
N ASP B 16 -3.33 -5.62 0.17
CA ASP B 16 -3.16 -4.21 -0.18
C ASP B 16 -4.05 -3.79 -1.34
N GLY B 17 -4.79 -4.73 -1.90
CA GLY B 17 -5.66 -4.44 -3.04
C GLY B 17 -4.98 -4.27 -4.40
N GLN B 18 -3.67 -4.51 -4.45
CA GLN B 18 -2.87 -4.28 -5.65
C GLN B 18 -2.89 -5.49 -6.59
N THR B 19 -3.32 -6.64 -6.09
CA THR B 19 -3.57 -7.78 -6.93
C THR B 19 -4.98 -8.31 -6.66
N ILE B 20 -5.62 -8.75 -7.73
CA ILE B 20 -6.99 -9.25 -7.66
C ILE B 20 -6.98 -10.58 -8.36
N ALA B 21 -7.44 -11.61 -7.69
CA ALA B 21 -7.59 -12.93 -8.29
C ALA B 21 -9.07 -13.16 -8.67
N SER B 22 -9.29 -13.73 -9.84
CA SER B 22 -10.63 -14.04 -10.29
C SER B 22 -10.67 -15.42 -10.90
N ALA B 23 -11.75 -16.12 -10.59
CA ALA B 23 -11.97 -17.41 -11.19
C ALA B 23 -12.44 -17.16 -12.63
N SER B 24 -11.73 -17.67 -13.63
CA SER B 24 -12.07 -17.45 -15.04
C SER B 24 -13.00 -18.55 -15.51
N ASP B 25 -13.69 -18.38 -16.65
CA ASP B 25 -14.62 -19.41 -17.16
C ASP B 25 -13.90 -20.52 -17.95
N ASP B 26 -12.56 -20.51 -17.94
CA ASP B 26 -11.76 -21.48 -18.67
C ASP B 26 -10.84 -22.38 -17.82
N LYS B 27 -11.20 -22.71 -16.58
CA LYS B 27 -10.42 -23.61 -15.68
C LYS B 27 -9.16 -22.97 -15.15
N THR B 28 -9.06 -21.65 -15.25
CA THR B 28 -7.89 -20.94 -14.77
C THR B 28 -8.28 -19.90 -13.73
N VAL B 29 -7.29 -19.46 -12.98
CA VAL B 29 -7.40 -18.33 -12.15
C VAL B 29 -6.55 -17.26 -12.81
N LYS B 30 -7.07 -16.05 -12.87
CA LYS B 30 -6.33 -14.94 -13.42
C LYS B 30 -6.02 -13.94 -12.34
N LEU B 31 -4.78 -13.44 -12.36
CA LEU B 31 -4.35 -12.38 -11.45
C LEU B 31 -4.30 -11.09 -12.22
N TRP B 32 -4.94 -10.07 -11.66
CA TRP B 32 -5.00 -8.76 -12.29
C TRP B 32 -4.37 -7.74 -11.36
N ASN B 33 -3.84 -6.66 -11.92
CA ASN B 33 -3.52 -5.51 -11.11
C ASN B 33 -4.77 -4.66 -10.94
N ARG B 34 -4.69 -3.61 -10.13
CA ARG B 34 -5.87 -2.84 -9.79
C ARG B 34 -6.43 -2.05 -10.94
N ASN B 35 -5.66 -1.89 -11.99
CA ASN B 35 -6.10 -1.20 -13.20
C ASN B 35 -6.78 -2.10 -14.21
N GLY B 36 -7.00 -3.37 -13.87
CA GLY B 36 -7.54 -4.33 -14.81
C GLY B 36 -6.56 -4.99 -15.79
N GLN B 37 -5.27 -4.79 -15.61
CA GLN B 37 -4.29 -5.45 -16.45
C GLN B 37 -4.01 -6.88 -15.99
N LEU B 38 -4.02 -7.85 -16.93
CA LEU B 38 -3.72 -9.24 -16.60
C LEU B 38 -2.24 -9.45 -16.28
N LEU B 39 -1.94 -10.01 -15.12
CA LEU B 39 -0.56 -10.31 -14.69
C LEU B 39 -0.13 -11.76 -14.90
N GLN B 40 -1.00 -12.70 -14.51
CA GLN B 40 -0.71 -14.16 -14.50
C GLN B 40 -1.98 -14.93 -14.78
N THR B 41 -1.84 -16.09 -15.40
CA THR B 41 -2.88 -17.08 -15.48
C THR B 41 -2.39 -18.33 -14.73
N LEU B 42 -3.16 -18.82 -13.77
CA LEU B 42 -2.85 -20.06 -13.04
C LEU B 42 -3.58 -21.23 -13.72
N THR B 43 -2.81 -22.11 -14.32
CA THR B 43 -3.30 -23.23 -15.09
C THR B 43 -3.00 -24.54 -14.35
N GLY B 44 -3.98 -25.44 -14.30
CA GLY B 44 -3.78 -26.74 -13.64
C GLY B 44 -5.05 -27.43 -13.25
N HIS B 45 -6.07 -26.67 -12.91
CA HIS B 45 -7.37 -27.28 -12.63
C HIS B 45 -7.88 -27.95 -13.89
N SER B 46 -8.56 -29.07 -13.73
CA SER B 46 -9.05 -29.81 -14.87
C SER B 46 -10.54 -29.58 -15.09
N SER B 47 -11.14 -28.68 -14.34
CA SER B 47 -12.47 -28.24 -14.61
C SER B 47 -12.69 -26.82 -14.11
N SER B 48 -13.92 -26.33 -14.18
CA SER B 48 -14.24 -24.96 -13.77
C SER B 48 -13.71 -24.57 -12.42
N VAL B 49 -13.24 -23.33 -12.29
CA VAL B 49 -12.83 -22.77 -11.02
C VAL B 49 -13.95 -21.88 -10.53
N TRP B 50 -14.35 -22.08 -9.27
CA TRP B 50 -15.45 -21.31 -8.71
C TRP B 50 -15.03 -20.26 -7.66
N GLY B 51 -14.07 -20.56 -6.81
CA GLY B 51 -13.74 -19.69 -5.72
C GLY B 51 -12.25 -19.47 -5.62
N VAL B 52 -11.88 -18.30 -5.14
CA VAL B 52 -10.47 -17.96 -4.92
C VAL B 52 -10.32 -17.25 -3.61
N ALA B 53 -9.12 -17.31 -3.03
CA ALA B 53 -8.76 -16.51 -1.86
C ALA B 53 -7.27 -16.23 -1.82
N PHE B 54 -6.92 -15.11 -1.17
CA PHE B 54 -5.51 -14.79 -0.91
C PHE B 54 -5.20 -15.04 0.53
N SER B 55 -3.99 -15.53 0.80
CA SER B 55 -3.49 -15.60 2.16
C SER B 55 -3.26 -14.19 2.72
N PRO B 56 -3.25 -14.04 4.05
CA PRO B 56 -3.06 -12.73 4.65
C PRO B 56 -1.68 -12.07 4.40
N ASP B 57 -0.66 -12.87 4.16
CA ASP B 57 0.60 -12.32 3.72
C ASP B 57 0.63 -11.99 2.22
N GLY B 58 -0.45 -12.28 1.50
CA GLY B 58 -0.53 -11.97 0.09
C GLY B 58 0.26 -12.87 -0.87
N GLN B 59 0.99 -13.86 -0.34
CA GLN B 59 1.88 -14.67 -1.14
C GLN B 59 1.30 -15.98 -1.64
N THR B 60 0.22 -16.48 -1.03
CA THR B 60 -0.41 -17.70 -1.50
C THR B 60 -1.82 -17.41 -1.96
N ILE B 61 -2.22 -18.11 -3.01
CA ILE B 61 -3.56 -18.02 -3.53
C ILE B 61 -4.15 -19.41 -3.47
N ALA B 62 -5.39 -19.48 -3.04
CA ALA B 62 -6.13 -20.73 -3.07
C ALA B 62 -7.23 -20.65 -4.10
N SER B 63 -7.48 -21.78 -4.77
CA SER B 63 -8.56 -21.88 -5.76
C SER B 63 -9.39 -23.12 -5.56
N ALA B 64 -10.71 -22.96 -5.69
CA ALA B 64 -11.64 -24.06 -5.50
C ALA B 64 -12.27 -24.40 -6.84
N SER B 65 -12.36 -25.70 -7.15
CA SER B 65 -12.73 -26.13 -8.47
C SER B 65 -13.77 -27.25 -8.50
N ASP B 66 -14.48 -27.27 -9.62
CA ASP B 66 -15.41 -28.29 -9.96
C ASP B 66 -14.72 -29.66 -10.05
N ASP B 67 -13.39 -29.67 -10.22
CA ASP B 67 -12.61 -30.88 -10.27
C ASP B 67 -12.42 -31.54 -8.90
N LYS B 68 -13.10 -30.99 -7.87
CA LYS B 68 -13.14 -31.53 -6.51
C LYS B 68 -11.90 -31.25 -5.68
N THR B 69 -11.02 -30.40 -6.19
CA THR B 69 -9.82 -30.05 -5.46
C THR B 69 -9.74 -28.57 -5.14
N VAL B 70 -8.91 -28.27 -4.16
CA VAL B 70 -8.44 -26.91 -3.94
C VAL B 70 -6.96 -26.93 -4.33
N LYS B 71 -6.53 -25.92 -5.05
CA LYS B 71 -5.12 -25.79 -5.35
C LYS B 71 -4.55 -24.52 -4.71
N LEU B 72 -3.32 -24.66 -4.23
CA LEU B 72 -2.57 -23.56 -3.61
C LEU B 72 -1.47 -23.17 -4.56
N TRP B 73 -1.36 -21.87 -4.81
CA TRP B 73 -0.40 -21.30 -5.75
C TRP B 73 0.41 -20.20 -5.10
N ASN B 74 1.63 -20.02 -5.56
CA ASN B 74 2.34 -18.80 -5.17
C ASN B 74 1.97 -17.68 -6.12
N ARG B 75 2.29 -16.49 -5.70
CA ARG B 75 1.95 -15.27 -6.41
C ARG B 75 2.58 -15.15 -7.80
N ASN B 76 3.68 -15.86 -8.04
CA ASN B 76 4.29 -15.88 -9.36
C ASN B 76 3.75 -17.02 -10.24
N GLY B 77 2.65 -17.63 -9.84
CA GLY B 77 1.90 -18.52 -10.73
C GLY B 77 2.20 -19.99 -10.60
N GLN B 78 3.08 -20.36 -9.68
CA GLN B 78 3.51 -21.75 -9.51
C GLN B 78 2.55 -22.52 -8.61
N LEU B 79 2.16 -23.71 -9.04
CA LEU B 79 1.32 -24.61 -8.23
C LEU B 79 2.12 -25.18 -7.06
N LEU B 80 1.63 -25.01 -5.83
CA LEU B 80 2.31 -25.48 -4.63
C LEU B 80 1.75 -26.80 -4.09
N GLN B 81 0.43 -26.90 -4.02
CA GLN B 81 -0.23 -28.08 -3.46
C GLN B 81 -1.59 -28.24 -4.09
N THR B 82 -2.02 -29.48 -4.15
CA THR B 82 -3.37 -29.82 -4.49
C THR B 82 -3.98 -30.53 -3.29
N LEU B 83 -5.12 -30.00 -2.82
CA LEU B 83 -5.81 -30.56 -1.66
C LEU B 83 -6.95 -31.45 -2.18
N THR B 84 -6.78 -32.76 -1.96
CA THR B 84 -7.72 -33.78 -2.43
C THR B 84 -8.46 -34.42 -1.28
N GLY B 85 -9.76 -34.65 -1.46
CA GLY B 85 -10.57 -35.24 -0.41
C GLY B 85 -12.05 -35.01 -0.57
N HIS B 86 -12.45 -33.86 -1.10
CA HIS B 86 -13.87 -33.64 -1.36
C HIS B 86 -14.37 -34.62 -2.40
N SER B 87 -15.62 -35.02 -2.29
CA SER B 87 -16.19 -36.00 -3.22
C SER B 87 -17.03 -35.33 -4.29
N SER B 88 -17.13 -34.00 -4.24
CA SER B 88 -17.86 -33.26 -5.25
C SER B 88 -17.26 -31.85 -5.41
N SER B 89 -17.86 -31.03 -6.26
CA SER B 89 -17.37 -29.66 -6.53
C SER B 89 -17.03 -28.92 -5.27
N VAL B 90 -15.93 -28.17 -5.32
CA VAL B 90 -15.58 -27.25 -4.24
C VAL B 90 -15.97 -25.85 -4.72
N TRP B 91 -16.85 -25.18 -3.97
CA TRP B 91 -17.38 -23.85 -4.35
C TRP B 91 -16.61 -22.68 -3.72
N GLY B 92 -16.11 -22.87 -2.52
CA GLY B 92 -15.60 -21.76 -1.74
C GLY B 92 -14.36 -22.17 -0.99
N VAL B 93 -13.52 -21.19 -0.72
CA VAL B 93 -12.24 -21.45 -0.03
C VAL B 93 -11.88 -20.20 0.79
N ALA B 94 -11.28 -20.41 1.96
CA ALA B 94 -10.85 -19.30 2.84
C ALA B 94 -9.57 -19.63 3.59
N PHE B 95 -8.77 -18.62 3.90
CA PHE B 95 -7.60 -18.73 4.78
C PHE B 95 -7.95 -18.25 6.19
N SER B 96 -7.40 -18.91 7.20
CA SER B 96 -7.49 -18.39 8.56
C SER B 96 -6.64 -17.08 8.65
N PRO B 97 -6.89 -16.26 9.68
CA PRO B 97 -6.16 -15.01 9.82
C PRO B 97 -4.64 -15.18 9.97
N ASP B 98 -4.17 -16.30 10.53
CA ASP B 98 -2.73 -16.55 10.62
C ASP B 98 -2.19 -17.23 9.37
N GLY B 99 -3.06 -17.49 8.39
CA GLY B 99 -2.65 -18.09 7.13
C GLY B 99 -2.30 -19.58 7.16
N GLN B 100 -2.38 -20.22 8.32
CA GLN B 100 -1.89 -21.60 8.48
C GLN B 100 -2.97 -22.65 8.20
N THR B 101 -4.23 -22.25 8.25
CA THR B 101 -5.32 -23.14 7.94
C THR B 101 -6.13 -22.64 6.73
N ILE B 102 -6.54 -23.58 5.90
CA ILE B 102 -7.41 -23.34 4.76
C ILE B 102 -8.72 -24.09 5.01
N ALA B 103 -9.81 -23.43 4.70
CA ALA B 103 -11.14 -24.03 4.77
C ALA B 103 -11.77 -24.09 3.39
N SER B 104 -12.39 -25.20 3.07
CA SER B 104 -13.01 -25.41 1.77
C SER B 104 -14.49 -25.78 1.93
N ALA B 105 -15.32 -25.23 1.05
CA ALA B 105 -16.77 -25.46 1.07
C ALA B 105 -17.23 -26.18 -0.19
N SER B 106 -17.89 -27.31 -0.03
CA SER B 106 -18.17 -28.22 -1.12
C SER B 106 -19.63 -28.59 -1.28
N ASP B 107 -19.95 -28.89 -2.52
CA ASP B 107 -21.19 -29.50 -2.91
C ASP B 107 -21.46 -30.85 -2.19
N ASP B 108 -20.41 -31.50 -1.68
CA ASP B 108 -20.57 -32.76 -0.93
C ASP B 108 -21.11 -32.56 0.48
N LYS B 109 -21.51 -31.33 0.82
CA LYS B 109 -22.19 -31.00 2.08
C LYS B 109 -21.25 -30.86 3.25
N THR B 110 -19.94 -30.82 3.00
CA THR B 110 -18.97 -30.68 4.05
C THR B 110 -18.10 -29.43 3.87
N VAL B 111 -17.58 -28.94 4.98
CA VAL B 111 -16.43 -28.07 4.98
C VAL B 111 -15.22 -28.91 5.42
N LYS B 112 -14.10 -28.72 4.75
CA LYS B 112 -12.86 -29.36 5.15
C LYS B 112 -11.85 -28.32 5.56
N LEU B 113 -11.05 -28.65 6.57
CA LEU B 113 -9.97 -27.81 7.03
C LEU B 113 -8.61 -28.50 6.75
N TRP B 114 -7.70 -27.72 6.16
CA TRP B 114 -6.39 -28.21 5.71
C TRP B 114 -5.26 -27.33 6.20
N ASN B 115 -4.06 -27.89 6.28
CA ASN B 115 -2.86 -27.07 6.46
C ASN B 115 -2.22 -26.76 5.09
N ARG B 116 -1.20 -25.90 5.10
CA ARG B 116 -0.54 -25.47 3.86
C ARG B 116 0.26 -26.53 3.16
N ASN B 117 0.56 -27.61 3.85
CA ASN B 117 1.19 -28.75 3.20
C ASN B 117 0.19 -29.72 2.61
N GLY B 118 -1.07 -29.35 2.60
CA GLY B 118 -2.08 -30.12 1.94
C GLY B 118 -2.73 -31.20 2.77
N GLN B 119 -2.41 -31.27 4.06
CA GLN B 119 -2.97 -32.33 4.88
C GLN B 119 -4.34 -31.99 5.38
N LEU B 120 -5.23 -32.97 5.31
CA LEU B 120 -6.58 -32.81 5.81
C LEU B 120 -6.58 -32.87 7.30
N LEU B 121 -7.07 -31.82 7.95
CA LEU B 121 -7.08 -31.75 9.41
C LEU B 121 -8.44 -32.17 9.98
N GLN B 122 -9.52 -31.73 9.34
CA GLN B 122 -10.90 -31.91 9.87
C GLN B 122 -11.90 -31.90 8.75
N THR B 123 -12.98 -32.67 8.93
CA THR B 123 -14.15 -32.55 8.07
C THR B 123 -15.36 -32.14 8.91
N LEU B 124 -16.01 -31.02 8.54
CA LEU B 124 -17.16 -30.51 9.27
C LEU B 124 -18.44 -30.99 8.58
N THR B 125 -19.17 -31.88 9.25
CA THR B 125 -20.37 -32.47 8.65
C THR B 125 -21.58 -32.00 9.43
N GLY B 126 -22.72 -31.85 8.76
CA GLY B 126 -23.91 -31.36 9.44
C GLY B 126 -24.86 -30.60 8.54
N HIS B 127 -24.34 -29.92 7.55
CA HIS B 127 -25.19 -29.33 6.53
C HIS B 127 -25.90 -30.39 5.72
N SER B 128 -27.18 -30.16 5.43
CA SER B 128 -27.98 -31.12 4.71
C SER B 128 -27.95 -30.88 3.22
N SER B 129 -27.13 -29.92 2.81
CA SER B 129 -27.06 -29.55 1.45
C SER B 129 -25.70 -28.94 1.07
N SER B 130 -25.49 -28.72 -0.22
CA SER B 130 -24.30 -28.07 -0.74
C SER B 130 -23.88 -26.86 0.10
N VAL B 131 -22.60 -26.82 0.46
CA VAL B 131 -22.02 -25.72 1.21
C VAL B 131 -21.28 -24.82 0.21
N TRP B 132 -21.74 -23.59 0.07
CA TRP B 132 -21.21 -22.70 -0.94
C TRP B 132 -20.25 -21.61 -0.40
N GLY B 133 -20.38 -21.29 0.89
CA GLY B 133 -19.55 -20.25 1.50
C GLY B 133 -18.95 -20.64 2.83
N VAL B 134 -17.73 -20.17 3.07
CA VAL B 134 -17.06 -20.42 4.31
C VAL B 134 -16.20 -19.21 4.64
N ALA B 135 -16.12 -18.87 5.94
CA ALA B 135 -15.26 -17.84 6.43
C ALA B 135 -14.82 -18.10 7.88
N PHE B 136 -13.64 -17.63 8.21
CA PHE B 136 -13.18 -17.64 9.58
C PHE B 136 -13.65 -16.40 10.31
N SER B 137 -13.87 -16.52 11.61
CA SER B 137 -13.99 -15.34 12.46
C SER B 137 -12.64 -14.58 12.51
N PRO B 138 -12.67 -13.29 12.88
CA PRO B 138 -11.43 -12.49 12.97
C PRO B 138 -10.35 -13.05 13.90
N ASP B 139 -10.73 -13.67 15.02
CA ASP B 139 -9.73 -14.31 15.89
C ASP B 139 -9.29 -15.67 15.36
N GLY B 140 -10.04 -16.21 14.41
CA GLY B 140 -9.68 -17.45 13.72
C GLY B 140 -10.11 -18.72 14.44
N GLN B 141 -10.81 -18.60 15.56
CA GLN B 141 -11.15 -19.75 16.39
C GLN B 141 -12.49 -20.33 16.03
N THR B 142 -13.31 -19.55 15.33
CA THR B 142 -14.63 -19.99 14.86
C THR B 142 -14.64 -20.00 13.35
N ILE B 143 -15.32 -20.98 12.79
CA ILE B 143 -15.55 -21.05 11.36
C ILE B 143 -17.05 -20.93 11.10
N ALA B 144 -17.42 -20.15 10.09
CA ALA B 144 -18.81 -20.03 9.67
C ALA B 144 -18.96 -20.57 8.27
N SER B 145 -20.02 -21.32 8.03
CA SER B 145 -20.33 -21.88 6.70
C SER B 145 -21.76 -21.57 6.34
N ALA B 146 -22.01 -21.36 5.04
CA ALA B 146 -23.34 -21.06 4.50
C ALA B 146 -23.68 -22.08 3.41
N SER B 147 -24.91 -22.57 3.46
CA SER B 147 -25.35 -23.71 2.67
C SER B 147 -26.66 -23.45 1.94
N ASP B 148 -26.91 -24.20 0.88
CA ASP B 148 -28.19 -24.18 0.22
C ASP B 148 -29.32 -24.69 1.14
N ASP B 149 -29.00 -25.36 2.24
CA ASP B 149 -30.02 -25.72 3.21
C ASP B 149 -30.54 -24.49 3.96
N LYS B 150 -30.08 -23.30 3.53
CA LYS B 150 -30.57 -22.00 4.03
C LYS B 150 -30.14 -21.74 5.43
N THR B 151 -29.09 -22.42 5.86
CA THR B 151 -28.60 -22.18 7.19
C THR B 151 -27.19 -21.65 7.15
N VAL B 152 -26.78 -21.05 8.26
CA VAL B 152 -25.39 -20.77 8.52
C VAL B 152 -25.01 -21.50 9.81
N LYS B 153 -23.86 -22.17 9.80
CA LYS B 153 -23.42 -22.96 10.94
C LYS B 153 -22.11 -22.45 11.42
N LEU B 154 -21.96 -22.43 12.74
CA LEU B 154 -20.71 -22.01 13.38
C LEU B 154 -20.04 -23.21 13.99
N TRP B 155 -18.75 -23.33 13.73
CA TRP B 155 -17.97 -24.47 14.17
C TRP B 155 -16.68 -24.03 14.85
N ASN B 156 -16.18 -24.87 15.75
CA ASN B 156 -14.84 -24.68 16.27
C ASN B 156 -13.82 -25.43 15.39
N ARG B 157 -12.55 -25.26 15.70
CA ARG B 157 -11.45 -25.79 14.90
C ARG B 157 -11.31 -27.30 14.98
N ASN B 158 -11.78 -27.87 16.08
CA ASN B 158 -11.86 -29.31 16.23
C ASN B 158 -13.03 -29.93 15.50
N GLY B 159 -13.77 -29.14 14.75
CA GLY B 159 -14.84 -29.67 13.92
C GLY B 159 -16.17 -29.89 14.60
N GLN B 160 -16.30 -29.41 15.81
CA GLN B 160 -17.56 -29.52 16.52
C GLN B 160 -18.49 -28.38 16.12
N LEU B 161 -19.75 -28.74 15.88
CA LEU B 161 -20.80 -27.78 15.61
C LEU B 161 -21.13 -27.04 16.89
N LEU B 162 -21.06 -25.73 16.84
CA LEU B 162 -21.37 -24.91 18.00
C LEU B 162 -22.82 -24.49 17.91
N GLN B 163 -23.22 -23.94 16.77
CA GLN B 163 -24.50 -23.34 16.61
C GLN B 163 -24.93 -23.27 15.20
N THR B 164 -26.24 -23.21 15.00
CA THR B 164 -26.85 -23.05 13.68
C THR B 164 -27.76 -21.83 13.71
N LEU B 165 -27.62 -20.97 12.71
CA LEU B 165 -28.56 -19.90 12.48
C LEU B 165 -29.42 -20.44 11.36
N THR B 166 -30.72 -20.44 11.67
CA THR B 166 -31.67 -21.30 10.96
C THR B 166 -32.56 -20.58 9.99
N GLY B 167 -32.59 -19.25 10.02
CA GLY B 167 -33.57 -18.50 9.25
C GLY B 167 -34.81 -18.07 10.03
N HIS B 168 -35.00 -18.56 11.25
CA HIS B 168 -36.07 -18.01 12.11
C HIS B 168 -35.69 -16.55 12.44
N SER C 7 18.01 12.76 -30.40
CA SER C 7 17.03 11.68 -30.13
C SER C 7 16.62 11.67 -28.65
N VAL C 8 15.36 11.35 -28.42
CA VAL C 8 14.75 11.36 -27.10
C VAL C 8 14.27 9.98 -26.67
N TRP C 9 13.99 9.81 -25.40
CA TRP C 9 13.72 8.44 -24.94
C TRP C 9 12.54 7.74 -25.71
N GLY C 10 11.40 8.39 -25.60
CA GLY C 10 10.15 7.91 -26.13
C GLY C 10 9.58 6.76 -25.36
N VAL C 11 10.13 6.48 -24.18
CA VAL C 11 9.72 5.35 -23.39
C VAL C 11 9.67 5.78 -21.93
N ALA C 12 8.66 5.30 -21.19
CA ALA C 12 8.54 5.56 -19.75
C ALA C 12 8.04 4.38 -18.94
N PHE C 13 8.58 4.17 -17.75
CA PHE C 13 8.10 3.14 -16.84
C PHE C 13 7.05 3.66 -15.89
N SER C 14 6.06 2.84 -15.57
CA SER C 14 5.22 3.10 -14.42
C SER C 14 6.08 2.95 -13.16
N PRO C 15 5.67 3.56 -12.03
CA PRO C 15 6.46 3.48 -10.80
C PRO C 15 6.75 2.06 -10.28
N ASP C 16 5.86 1.12 -10.56
CA ASP C 16 6.08 -0.26 -10.15
C ASP C 16 6.78 -1.07 -11.25
N GLY C 17 7.04 -0.47 -12.41
CA GLY C 17 7.77 -1.15 -13.47
C GLY C 17 6.97 -2.24 -14.20
N GLN C 18 5.68 -2.34 -13.92
CA GLN C 18 4.82 -3.36 -14.51
C GLN C 18 4.20 -2.93 -15.83
N THR C 19 4.21 -1.63 -16.10
CA THR C 19 3.73 -1.09 -17.35
C THR C 19 4.79 -0.17 -17.92
N ILE C 20 4.88 -0.21 -19.23
CA ILE C 20 5.84 0.62 -19.97
C ILE C 20 5.08 1.33 -21.05
N ALA C 21 5.24 2.64 -21.13
CA ALA C 21 4.62 3.44 -22.19
C ALA C 21 5.67 3.79 -23.23
N SER C 22 5.29 3.73 -24.50
CA SER C 22 6.21 4.06 -25.58
C SER C 22 5.50 4.88 -26.64
N ALA C 23 6.20 5.89 -27.12
CA ALA C 23 5.70 6.72 -28.16
C ALA C 23 5.93 6.11 -29.52
N SER C 24 5.01 6.41 -30.43
CA SER C 24 5.19 6.07 -31.83
C SER C 24 4.92 7.18 -32.85
N ASP C 25 5.46 6.99 -34.06
CA ASP C 25 5.19 7.90 -35.17
C ASP C 25 3.87 7.58 -35.89
N ASP C 26 3.10 6.60 -35.42
CA ASP C 26 1.81 6.27 -36.01
C ASP C 26 0.78 6.97 -35.16
N LYS C 27 1.27 7.89 -34.35
CA LYS C 27 0.48 8.85 -33.62
C LYS C 27 -0.19 8.31 -32.37
N THR C 28 0.27 7.17 -31.88
CA THR C 28 -0.31 6.58 -30.68
C THR C 28 0.75 6.41 -29.62
N VAL C 29 0.27 6.20 -28.40
CA VAL C 29 1.08 5.74 -27.29
C VAL C 29 0.64 4.33 -27.03
N LYS C 30 1.59 3.44 -26.85
CA LYS C 30 1.30 2.04 -26.55
C LYS C 30 1.76 1.70 -25.15
N LEU C 31 0.92 0.97 -24.45
CA LEU C 31 1.22 0.50 -23.10
C LEU C 31 1.55 -0.98 -23.22
N TRP C 32 2.70 -1.36 -22.68
CA TRP C 32 3.18 -2.74 -22.74
C TRP C 32 3.38 -3.26 -21.34
N ASN C 33 3.23 -4.58 -21.17
CA ASN C 33 3.65 -5.19 -19.92
C ASN C 33 5.11 -5.52 -20.07
N ARG C 34 5.70 -5.97 -18.97
CA ARG C 34 7.13 -6.17 -18.89
C ARG C 34 7.64 -7.31 -19.80
N ASN C 35 6.73 -8.18 -20.22
CA ASN C 35 7.02 -9.28 -21.15
C ASN C 35 6.91 -8.91 -22.63
N GLY C 36 6.71 -7.63 -22.93
CA GLY C 36 6.57 -7.20 -24.31
C GLY C 36 5.21 -7.41 -24.93
N GLN C 37 4.21 -7.77 -24.13
CA GLN C 37 2.83 -7.82 -24.66
C GLN C 37 2.13 -6.46 -24.65
N LEU C 38 1.46 -6.14 -25.76
CA LEU C 38 0.69 -4.91 -25.87
C LEU C 38 -0.58 -4.96 -25.03
N LEU C 39 -0.76 -3.96 -24.16
CA LEU C 39 -1.94 -3.88 -23.31
C LEU C 39 -2.97 -2.95 -23.91
N GLN C 40 -2.52 -1.80 -24.41
CA GLN C 40 -3.43 -0.95 -25.14
C GLN C 40 -2.73 0.13 -25.90
N THR C 41 -3.55 0.79 -26.69
CA THR C 41 -3.14 1.86 -27.56
C THR C 41 -3.92 3.14 -27.22
N LEU C 42 -3.22 4.23 -26.98
CA LEU C 42 -3.83 5.54 -26.70
C LEU C 42 -3.89 6.32 -28.01
N THR C 43 -5.12 6.52 -28.49
CA THR C 43 -5.37 7.10 -29.79
C THR C 43 -5.99 8.46 -29.60
N GLY C 44 -5.53 9.44 -30.37
CA GLY C 44 -6.08 10.79 -30.28
C GLY C 44 -5.18 11.86 -30.85
N HIS C 45 -3.86 11.69 -30.73
CA HIS C 45 -2.95 12.63 -31.34
C HIS C 45 -3.10 12.61 -32.84
N SER C 46 -2.97 13.77 -33.47
CA SER C 46 -3.15 13.87 -34.92
C SER C 46 -1.80 13.97 -35.64
N SER C 47 -0.70 13.75 -34.91
CA SER C 47 0.60 13.57 -35.52
C SER C 47 1.51 12.73 -34.64
N SER C 48 2.77 12.58 -35.04
CA SER C 48 3.73 11.79 -34.28
C SER C 48 3.78 12.10 -32.80
N VAL C 49 3.94 11.06 -32.00
CA VAL C 49 4.15 11.20 -30.56
C VAL C 49 5.63 11.01 -30.26
N TRP C 50 6.20 11.95 -29.51
CA TRP C 50 7.64 11.93 -29.26
C TRP C 50 8.03 11.59 -27.83
N GLY C 51 7.27 12.07 -26.88
CA GLY C 51 7.64 11.89 -25.48
C GLY C 51 6.47 11.35 -24.70
N VAL C 52 6.79 10.56 -23.68
CA VAL C 52 5.79 10.07 -22.74
C VAL C 52 6.33 10.13 -21.33
N ALA C 53 5.42 10.26 -20.37
CA ALA C 53 5.77 10.18 -18.96
C ALA C 53 4.60 9.60 -18.16
N PHE C 54 4.94 8.94 -17.05
CA PHE C 54 3.96 8.48 -16.09
C PHE C 54 4.00 9.43 -14.89
N SER C 55 2.84 9.73 -14.33
CA SER C 55 2.78 10.45 -13.10
C SER C 55 3.40 9.59 -12.01
N PRO C 56 3.93 10.21 -10.95
CA PRO C 56 4.49 9.43 -9.83
C PRO C 56 3.54 8.50 -9.06
N ASP C 57 2.25 8.79 -9.04
CA ASP C 57 1.26 7.81 -8.56
C ASP C 57 0.92 6.69 -9.58
N GLY C 58 1.47 6.74 -10.78
CA GLY C 58 1.21 5.74 -11.80
C GLY C 58 -0.15 5.77 -12.51
N GLN C 59 -1.01 6.71 -12.15
CA GLN C 59 -2.38 6.75 -12.68
C GLN C 59 -2.61 7.65 -13.88
N THR C 60 -1.71 8.60 -14.14
CA THR C 60 -1.80 9.44 -15.35
C THR C 60 -0.61 9.26 -16.25
N ILE C 61 -0.84 9.34 -17.55
CA ILE C 61 0.19 9.25 -18.54
C ILE C 61 0.11 10.55 -19.33
N ALA C 62 1.26 11.15 -19.60
CA ALA C 62 1.30 12.33 -20.45
C ALA C 62 2.02 11.96 -21.72
N SER C 63 1.56 12.52 -22.84
CA SER C 63 2.19 12.32 -24.14
C SER C 63 2.43 13.66 -24.84
N ALA C 64 3.60 13.79 -25.46
CA ALA C 64 3.98 15.00 -26.19
C ALA C 64 4.03 14.68 -27.65
N SER C 65 3.43 15.55 -28.46
CA SER C 65 3.25 15.26 -29.88
C SER C 65 3.68 16.39 -30.81
N ASP C 66 4.03 15.98 -32.01
CA ASP C 66 4.27 16.84 -33.12
C ASP C 66 3.05 17.71 -33.46
N ASP C 67 1.85 17.30 -33.01
CA ASP C 67 0.62 18.05 -33.24
C ASP C 67 0.50 19.27 -32.34
N LYS C 68 1.59 19.58 -31.61
CA LYS C 68 1.71 20.78 -30.79
C LYS C 68 0.97 20.69 -29.45
N THR C 69 0.47 19.51 -29.10
CA THR C 69 -0.25 19.34 -27.87
C THR C 69 0.42 18.30 -26.96
N VAL C 70 0.07 18.40 -25.69
CA VAL C 70 0.31 17.33 -24.75
C VAL C 70 -1.06 16.78 -24.43
N LYS C 71 -1.18 15.46 -24.37
CA LYS C 71 -2.39 14.84 -23.89
C LYS C 71 -2.14 14.07 -22.58
N LEU C 72 -3.12 14.14 -21.69
CA LEU C 72 -3.14 13.42 -20.44
C LEU C 72 -4.17 12.31 -20.50
N TRP C 73 -3.74 11.11 -20.10
CA TRP C 73 -4.55 9.90 -20.20
C TRP C 73 -4.57 9.22 -18.86
N ASN C 74 -5.65 8.53 -18.56
CA ASN C 74 -5.60 7.64 -17.44
C ASN C 74 -5.00 6.32 -17.87
N ARG C 75 -4.67 5.52 -16.87
CA ARG C 75 -3.99 4.23 -17.11
C ARG C 75 -4.85 3.21 -17.86
N ASN C 76 -6.16 3.42 -17.86
CA ASN C 76 -7.08 2.57 -18.60
C ASN C 76 -7.35 3.09 -20.01
N GLY C 77 -6.54 4.02 -20.48
CA GLY C 77 -6.53 4.39 -21.90
C GLY C 77 -7.37 5.61 -22.27
N GLN C 78 -8.04 6.18 -21.28
CA GLN C 78 -9.03 7.23 -21.54
C GLN C 78 -8.32 8.58 -21.61
N LEU C 79 -8.63 9.36 -22.64
CA LEU C 79 -8.15 10.73 -22.76
C LEU C 79 -8.80 11.60 -21.70
N LEU C 80 -7.99 12.28 -20.89
CA LEU C 80 -8.48 13.18 -19.85
C LEU C 80 -8.44 14.66 -20.26
N GLN C 81 -7.33 15.09 -20.85
CA GLN C 81 -7.16 16.49 -21.25
C GLN C 81 -6.22 16.61 -22.41
N THR C 82 -6.41 17.68 -23.17
CA THR C 82 -5.46 18.10 -24.15
C THR C 82 -4.94 19.49 -23.77
N LEU C 83 -3.61 19.61 -23.70
CA LEU C 83 -2.95 20.88 -23.35
C LEU C 83 -2.47 21.59 -24.61
N THR C 84 -3.13 22.70 -24.91
CA THR C 84 -2.91 23.46 -26.12
C THR C 84 -2.28 24.80 -25.80
N GLY C 85 -1.31 25.21 -26.60
CA GLY C 85 -0.65 26.49 -26.38
C GLY C 85 0.69 26.60 -27.05
N HIS C 86 1.41 25.49 -27.16
CA HIS C 86 2.66 25.52 -27.88
C HIS C 86 2.39 25.86 -29.34
N SER C 87 3.34 26.57 -29.97
CA SER C 87 3.17 26.95 -31.35
C SER C 87 3.90 26.01 -32.29
N SER C 88 4.55 25.00 -31.76
CA SER C 88 5.28 24.01 -32.57
C SER C 88 5.33 22.66 -31.85
N SER C 89 6.00 21.68 -32.45
CA SER C 89 6.12 20.35 -31.87
C SER C 89 6.50 20.36 -30.40
N VAL C 90 5.91 19.44 -29.65
CA VAL C 90 6.26 19.20 -28.27
C VAL C 90 7.09 17.93 -28.25
N TRP C 91 8.33 18.02 -27.76
CA TRP C 91 9.27 16.91 -27.73
C TRP C 91 9.24 16.12 -26.42
N GLY C 92 9.03 16.82 -25.32
CA GLY C 92 9.26 16.24 -24.01
C GLY C 92 8.19 16.68 -23.04
N VAL C 93 8.00 15.86 -22.04
CA VAL C 93 6.98 16.12 -21.05
C VAL C 93 7.43 15.52 -19.72
N ALA C 94 7.06 16.18 -18.62
CA ALA C 94 7.37 15.68 -17.29
C ALA C 94 6.31 16.05 -16.27
N PHE C 95 6.18 15.25 -15.24
CA PHE C 95 5.31 15.56 -14.11
C PHE C 95 6.16 16.05 -12.96
N SER C 96 5.63 16.99 -12.18
CA SER C 96 6.19 17.31 -10.88
C SER C 96 6.05 16.11 -9.92
N PRO C 97 6.86 16.07 -8.85
CA PRO C 97 6.80 14.93 -7.98
C PRO C 97 5.43 14.70 -7.35
N ASP C 98 4.66 15.77 -7.13
CA ASP C 98 3.30 15.60 -6.61
C ASP C 98 2.26 15.32 -7.69
N GLY C 99 2.69 15.28 -8.95
CA GLY C 99 1.83 14.94 -10.07
C GLY C 99 0.85 16.04 -10.49
N GLN C 100 0.84 17.18 -9.79
CA GLN C 100 -0.16 18.23 -10.01
C GLN C 100 0.25 19.26 -11.07
N THR C 101 1.54 19.29 -11.39
CA THR C 101 2.03 20.15 -12.45
C THR C 101 2.68 19.31 -13.54
N ILE C 102 2.43 19.71 -14.77
CA ILE C 102 3.04 19.10 -15.93
C ILE C 102 3.91 20.15 -16.61
N ALA C 103 5.09 19.73 -17.05
CA ALA C 103 6.00 20.61 -17.81
C ALA C 103 6.17 20.03 -19.20
N SER C 104 6.14 20.88 -20.20
CA SER C 104 6.28 20.47 -21.59
C SER C 104 7.42 21.24 -22.27
N ALA C 105 8.15 20.54 -23.13
CA ALA C 105 9.32 21.09 -23.81
C ALA C 105 9.10 21.06 -25.32
N SER C 106 9.21 22.23 -25.93
CA SER C 106 8.78 22.41 -27.30
C SER C 106 9.84 22.96 -28.23
N ASP C 107 9.68 22.57 -29.48
CA ASP C 107 10.40 23.16 -30.60
C ASP C 107 10.21 24.70 -30.72
N ASP C 108 9.14 25.25 -30.12
CA ASP C 108 8.91 26.70 -30.09
C ASP C 108 9.79 27.45 -29.08
N LYS C 109 10.77 26.76 -28.49
CA LYS C 109 11.83 27.36 -27.65
C LYS C 109 11.40 27.64 -26.22
N THR C 110 10.24 27.13 -25.84
CA THR C 110 9.72 27.39 -24.51
C THR C 110 9.48 26.11 -23.78
N VAL C 111 9.51 26.22 -22.46
CA VAL C 111 8.87 25.23 -21.59
C VAL C 111 7.56 25.85 -21.09
N LYS C 112 6.50 25.05 -21.09
CA LYS C 112 5.26 25.47 -20.49
C LYS C 112 4.90 24.60 -19.29
N LEU C 113 4.32 25.23 -18.28
CA LEU C 113 3.85 24.55 -17.07
C LEU C 113 2.33 24.62 -16.99
N TRP C 114 1.72 23.47 -16.72
CA TRP C 114 0.28 23.28 -16.75
C TRP C 114 -0.22 22.57 -15.50
N ASN C 115 -1.50 22.77 -15.19
CA ASN C 115 -2.18 21.96 -14.20
C ASN C 115 -2.96 20.82 -14.87
N ARG C 116 -3.48 19.91 -14.07
CA ARG C 116 -4.10 18.68 -14.60
C ARG C 116 -5.41 18.96 -15.29
N ASN C 117 -6.00 20.14 -15.09
CA ASN C 117 -7.18 20.51 -15.82
C ASN C 117 -6.86 21.15 -17.14
N GLY C 118 -5.59 21.14 -17.49
CA GLY C 118 -5.19 21.64 -18.78
C GLY C 118 -4.92 23.14 -18.86
N GLN C 119 -4.92 23.85 -17.74
CA GLN C 119 -4.67 25.29 -17.79
C GLN C 119 -3.20 25.62 -17.83
N LEU C 120 -2.88 26.57 -18.66
CA LEU C 120 -1.51 27.05 -18.75
C LEU C 120 -1.18 27.95 -17.56
N LEU C 121 -0.15 27.57 -16.79
CA LEU C 121 0.26 28.32 -15.60
C LEU C 121 1.40 29.31 -15.89
N GLN C 122 2.38 28.88 -16.67
CA GLN C 122 3.63 29.63 -16.87
C GLN C 122 4.24 29.24 -18.20
N THR C 123 4.90 30.18 -18.84
CA THR C 123 5.73 29.90 -19.99
C THR C 123 7.15 30.34 -19.64
N LEU C 124 8.10 29.41 -19.74
CA LEU C 124 9.52 29.73 -19.45
C LEU C 124 10.23 30.03 -20.76
N THR C 125 10.61 31.29 -20.93
CA THR C 125 11.25 31.74 -22.18
C THR C 125 12.66 32.20 -21.88
N GLY C 126 13.55 31.97 -22.83
CA GLY C 126 14.96 32.23 -22.62
C GLY C 126 15.85 31.39 -23.49
N HIS C 127 15.46 30.15 -23.78
CA HIS C 127 16.22 29.32 -24.71
C HIS C 127 16.17 29.92 -26.11
N SER C 128 17.28 29.87 -26.82
CA SER C 128 17.35 30.44 -28.17
C SER C 128 17.04 29.39 -29.24
N SER C 129 16.69 28.20 -28.81
CA SER C 129 16.49 27.09 -29.72
C SER C 129 15.53 26.06 -29.15
N SER C 130 15.12 25.12 -29.99
CA SER C 130 14.25 24.03 -29.63
C SER C 130 14.62 23.41 -28.27
N VAL C 131 13.63 23.23 -27.41
CA VAL C 131 13.81 22.65 -26.08
C VAL C 131 13.33 21.21 -26.19
N TRP C 132 14.23 20.27 -25.98
CA TRP C 132 13.91 18.85 -26.17
C TRP C 132 13.67 18.09 -24.89
N GLY C 133 14.19 18.60 -23.78
CA GLY C 133 14.07 17.93 -22.50
C GLY C 133 13.65 18.83 -21.38
N VAL C 134 12.88 18.27 -20.47
CA VAL C 134 12.50 18.97 -19.27
C VAL C 134 12.34 17.98 -18.13
N ALA C 135 12.73 18.40 -16.92
CA ALA C 135 12.62 17.58 -15.74
C ALA C 135 12.48 18.44 -14.50
N PHE C 136 11.75 17.93 -13.52
CA PHE C 136 11.70 18.54 -12.21
C PHE C 136 12.82 17.95 -11.36
N SER C 137 13.36 18.75 -10.46
CA SER C 137 14.22 18.22 -9.43
C SER C 137 13.37 17.31 -8.49
N PRO C 138 14.02 16.41 -7.73
CA PRO C 138 13.30 15.48 -6.83
C PRO C 138 12.45 16.17 -5.75
N ASP C 139 12.90 17.29 -5.23
CA ASP C 139 12.06 18.06 -4.32
C ASP C 139 10.96 18.88 -5.04
N GLY C 140 11.08 19.04 -6.35
CA GLY C 140 10.06 19.68 -7.18
C GLY C 140 10.18 21.18 -7.28
N GLN C 141 11.17 21.76 -6.63
CA GLN C 141 11.26 23.22 -6.50
C GLN C 141 12.06 23.83 -7.63
N THR C 142 12.83 23.00 -8.32
CA THR C 142 13.56 23.43 -9.49
C THR C 142 13.10 22.70 -10.76
N ILE C 143 13.06 23.40 -11.89
CA ILE C 143 12.79 22.79 -13.19
C ILE C 143 14.05 22.94 -14.02
N ALA C 144 14.45 21.88 -14.70
CA ALA C 144 15.58 21.92 -15.59
C ALA C 144 15.09 21.70 -17.00
N SER C 145 15.62 22.47 -17.94
CA SER C 145 15.31 22.31 -19.37
C SER C 145 16.58 22.24 -20.19
N ALA C 146 16.55 21.43 -21.24
CA ALA C 146 17.71 21.20 -22.11
C ALA C 146 17.31 21.51 -23.54
N SER C 147 18.19 22.22 -24.24
CA SER C 147 17.89 22.76 -25.54
C SER C 147 18.94 22.41 -26.57
N ASP C 148 18.57 22.46 -27.86
CA ASP C 148 19.54 22.44 -28.94
C ASP C 148 20.52 23.63 -28.93
N ASP C 149 20.20 24.71 -28.21
CA ASP C 149 21.18 25.80 -28.06
C ASP C 149 22.37 25.38 -27.21
N LYS C 150 22.43 24.07 -26.90
CA LYS C 150 23.53 23.45 -26.17
C LYS C 150 23.59 23.95 -24.71
N THR C 151 22.47 24.45 -24.18
CA THR C 151 22.45 24.90 -22.80
C THR C 151 21.40 24.12 -21.99
N VAL C 152 21.60 24.12 -20.69
CA VAL C 152 20.64 23.66 -19.73
C VAL C 152 20.32 24.85 -18.85
N LYS C 153 19.04 25.08 -18.62
CA LYS C 153 18.61 26.18 -17.80
C LYS C 153 17.84 25.66 -16.62
N LEU C 154 18.09 26.27 -15.47
CA LEU C 154 17.39 25.92 -14.24
C LEU C 154 16.45 27.04 -13.88
N TRP C 155 15.21 26.68 -13.55
CA TRP C 155 14.16 27.64 -13.24
C TRP C 155 13.49 27.30 -11.93
N ASN C 156 12.98 28.30 -11.24
CA ASN C 156 12.09 28.05 -10.12
C ASN C 156 10.65 27.90 -10.61
N ARG C 157 9.76 27.58 -9.68
CA ARG C 157 8.38 27.25 -10.00
C ARG C 157 7.56 28.45 -10.47
N ASN C 158 7.98 29.64 -10.03
CA ASN C 158 7.43 30.90 -10.50
C ASN C 158 7.95 31.34 -11.87
N GLY C 159 8.73 30.50 -12.54
CA GLY C 159 9.15 30.79 -13.90
C GLY C 159 10.37 31.69 -14.03
N GLN C 160 11.04 31.97 -12.92
CA GLN C 160 12.26 32.78 -12.95
C GLN C 160 13.48 31.92 -13.26
N LEU C 161 14.31 32.42 -14.16
CA LEU C 161 15.55 31.77 -14.54
C LEU C 161 16.53 31.90 -13.39
N LEU C 162 17.04 30.78 -12.91
CA LEU C 162 17.99 30.77 -11.80
C LEU C 162 19.41 30.72 -12.30
N GLN C 163 19.68 29.82 -13.23
CA GLN C 163 21.03 29.70 -13.78
C GLN C 163 21.00 29.01 -15.14
N THR C 164 22.03 29.26 -15.91
CA THR C 164 22.27 28.61 -17.18
C THR C 164 23.60 27.86 -17.14
N LEU C 165 23.56 26.60 -17.53
CA LEU C 165 24.72 25.75 -17.64
C LEU C 165 24.96 25.44 -19.10
N THR C 166 26.23 25.28 -19.40
CA THR C 166 26.66 24.89 -20.71
C THR C 166 27.67 23.78 -20.49
N GLY C 167 27.91 23.02 -21.53
CA GLY C 167 28.85 21.93 -21.46
C GLY C 167 30.30 22.33 -21.72
N HIS C 168 30.62 23.64 -21.65
CA HIS C 168 31.97 24.14 -22.10
C HIS C 168 33.03 24.29 -21.02
N SER D 7 19.78 14.11 -27.95
CA SER D 7 21.08 14.28 -27.22
C SER D 7 21.01 13.81 -25.73
N VAL D 8 22.02 14.20 -24.93
CA VAL D 8 22.18 13.76 -23.54
C VAL D 8 22.04 14.92 -22.53
N TRP D 9 21.45 14.66 -21.35
CA TRP D 9 21.62 15.57 -20.24
C TRP D 9 23.06 15.39 -19.75
N GLY D 10 23.67 16.51 -19.45
CA GLY D 10 24.97 16.54 -18.79
C GLY D 10 24.79 17.14 -17.42
N VAL D 11 23.63 16.96 -16.80
CA VAL D 11 23.31 17.60 -15.55
C VAL D 11 22.57 16.61 -14.65
N ALA D 12 22.84 16.65 -13.36
CA ALA D 12 22.13 15.81 -12.36
C ALA D 12 21.88 16.52 -11.04
N PHE D 13 20.73 16.29 -10.45
CA PHE D 13 20.44 16.77 -9.10
C PHE D 13 20.81 15.78 -8.01
N SER D 14 21.30 16.28 -6.86
CA SER D 14 21.36 15.47 -5.65
C SER D 14 19.93 15.14 -5.21
N PRO D 15 19.71 14.04 -4.45
CA PRO D 15 18.36 13.70 -3.95
C PRO D 15 17.80 14.82 -3.11
N ASP D 16 18.70 15.57 -2.50
CA ASP D 16 18.32 16.71 -1.68
C ASP D 16 17.90 17.96 -2.52
N GLY D 17 18.28 17.99 -3.80
CA GLY D 17 18.03 19.12 -4.70
C GLY D 17 18.87 20.38 -4.44
N GLN D 18 19.77 20.29 -3.45
CA GLN D 18 20.63 21.40 -3.07
C GLN D 18 21.97 21.47 -3.83
N THR D 19 22.33 20.36 -4.48
CA THR D 19 23.54 20.32 -5.27
C THR D 19 23.16 19.86 -6.66
N ILE D 20 23.83 20.45 -7.64
CA ILE D 20 23.67 20.08 -9.01
C ILE D 20 25.04 19.78 -9.62
N ALA D 21 25.17 18.63 -10.26
CA ALA D 21 26.38 18.27 -10.94
C ALA D 21 26.19 18.50 -12.41
N SER D 22 27.22 19.03 -13.07
CA SER D 22 27.17 19.25 -14.51
C SER D 22 28.49 18.83 -15.16
N ALA D 23 28.36 18.18 -16.31
CA ALA D 23 29.48 17.78 -17.07
C ALA D 23 30.02 18.92 -17.91
N SER D 24 31.31 18.91 -18.11
CA SER D 24 31.94 19.81 -19.06
C SER D 24 32.92 19.17 -20.05
N ASP D 25 33.11 19.84 -21.17
CA ASP D 25 34.08 19.43 -22.17
C ASP D 25 35.52 19.90 -21.84
N ASP D 26 35.72 20.51 -20.67
CA ASP D 26 37.06 20.90 -20.21
C ASP D 26 37.52 19.80 -19.26
N LYS D 27 36.79 18.70 -19.33
CA LYS D 27 37.16 17.44 -18.70
C LYS D 27 36.89 17.36 -17.21
N THR D 28 36.08 18.25 -16.68
CA THR D 28 35.76 18.24 -15.28
C THR D 28 34.26 18.09 -15.07
N VAL D 29 33.89 17.73 -13.85
CA VAL D 29 32.53 17.80 -13.39
C VAL D 29 32.53 18.95 -12.40
N LYS D 30 31.51 19.80 -12.47
CA LYS D 30 31.36 20.87 -11.54
C LYS D 30 30.14 20.67 -10.69
N LEU D 31 30.29 20.93 -9.41
CA LEU D 31 29.20 20.87 -8.46
C LEU D 31 28.76 22.31 -8.17
N TRP D 32 27.46 22.57 -8.32
CA TRP D 32 26.90 23.92 -8.12
C TRP D 32 25.87 23.83 -7.02
N ASN D 33 25.68 24.93 -6.31
CA ASN D 33 24.51 25.05 -5.44
C ASN D 33 23.35 25.55 -6.29
N ARG D 34 22.17 25.59 -5.70
CA ARG D 34 20.96 25.92 -6.43
C ARG D 34 20.92 27.38 -6.94
N ASN D 35 21.73 28.24 -6.34
CA ASN D 35 21.87 29.64 -6.74
C ASN D 35 22.87 29.88 -7.86
N GLY D 36 23.41 28.82 -8.45
CA GLY D 36 24.40 28.95 -9.51
C GLY D 36 25.83 29.22 -9.05
N GLN D 37 26.11 29.14 -7.75
CA GLN D 37 27.50 29.24 -7.29
C GLN D 37 28.26 27.93 -7.38
N LEU D 38 29.47 28.01 -7.93
CA LEU D 38 30.36 26.85 -8.04
C LEU D 38 30.89 26.41 -6.67
N LEU D 39 30.66 25.16 -6.32
CA LEU D 39 31.13 24.60 -5.04
C LEU D 39 32.46 23.87 -5.22
N GLN D 40 32.58 23.10 -6.28
CA GLN D 40 33.89 22.53 -6.61
C GLN D 40 33.92 21.95 -7.99
N THR D 41 35.13 21.56 -8.31
CA THR D 41 35.46 20.96 -9.57
C THR D 41 36.09 19.56 -9.36
N LEU D 42 35.55 18.53 -10.01
CA LEU D 42 36.10 17.17 -9.97
C LEU D 42 37.02 16.98 -11.17
N THR D 43 38.31 16.85 -10.88
CA THR D 43 39.36 16.80 -11.89
C THR D 43 39.95 15.39 -11.93
N GLY D 44 40.17 14.86 -13.12
CA GLY D 44 40.76 13.52 -13.26
C GLY D 44 40.51 12.86 -14.60
N HIS D 45 39.37 13.12 -15.21
CA HIS D 45 39.12 12.64 -16.56
C HIS D 45 40.10 13.26 -17.53
N SER D 46 40.49 12.50 -18.54
CA SER D 46 41.51 12.98 -19.50
C SER D 46 40.87 13.35 -20.84
N SER D 47 39.54 13.33 -20.92
CA SER D 47 38.82 14.00 -22.05
C SER D 47 37.45 14.49 -21.58
N SER D 48 36.64 14.93 -22.52
CA SER D 48 35.32 15.46 -22.24
C SER D 48 34.48 14.57 -21.34
N VAL D 49 33.73 15.20 -20.45
CA VAL D 49 32.77 14.52 -19.60
C VAL D 49 31.38 14.74 -20.19
N TRP D 50 30.62 13.67 -20.37
CA TRP D 50 29.32 13.77 -21.02
C TRP D 50 28.14 13.56 -20.10
N GLY D 51 28.27 12.65 -19.14
CA GLY D 51 27.13 12.30 -18.30
C GLY D 51 27.53 12.29 -16.85
N VAL D 52 26.59 12.64 -15.99
CA VAL D 52 26.77 12.60 -14.57
C VAL D 52 25.53 12.02 -13.89
N ALA D 53 25.71 11.40 -12.73
CA ALA D 53 24.61 10.93 -11.90
C ALA D 53 25.01 10.94 -10.42
N PHE D 54 23.99 11.12 -9.57
CA PHE D 54 24.17 11.06 -8.13
C PHE D 54 23.62 9.73 -7.67
N SER D 55 24.28 9.10 -6.72
CA SER D 55 23.73 7.91 -6.08
C SER D 55 22.47 8.32 -5.29
N PRO D 56 21.56 7.35 -5.02
CA PRO D 56 20.33 7.68 -4.28
C PRO D 56 20.54 8.17 -2.85
N ASP D 57 21.62 7.76 -2.21
CA ASP D 57 21.96 8.34 -0.93
C ASP D 57 22.65 9.72 -1.04
N GLY D 58 22.90 10.21 -2.25
CA GLY D 58 23.55 11.51 -2.46
C GLY D 58 25.05 11.59 -2.22
N GLN D 59 25.69 10.49 -1.79
CA GLN D 59 27.09 10.52 -1.32
C GLN D 59 28.11 10.18 -2.37
N THR D 60 27.67 9.55 -3.45
CA THR D 60 28.55 9.28 -4.60
C THR D 60 28.06 9.98 -5.86
N ILE D 61 29.02 10.43 -6.68
CA ILE D 61 28.74 11.00 -7.98
C ILE D 61 29.46 10.14 -8.99
N ALA D 62 28.78 9.83 -10.09
CA ALA D 62 29.40 9.10 -11.18
C ALA D 62 29.50 10.05 -12.35
N SER D 63 30.60 9.92 -13.10
CA SER D 63 30.82 10.69 -14.32
C SER D 63 31.22 9.79 -15.48
N ALA D 64 30.68 10.08 -16.65
CA ALA D 64 30.96 9.31 -17.86
C ALA D 64 31.72 10.20 -18.81
N SER D 65 32.80 9.68 -19.36
CA SER D 65 33.71 10.45 -20.16
C SER D 65 34.06 9.85 -21.50
N ASP D 66 34.41 10.76 -22.41
CA ASP D 66 34.99 10.44 -23.69
C ASP D 66 36.28 9.66 -23.55
N ASP D 67 36.91 9.72 -22.38
CA ASP D 67 38.15 8.97 -22.10
C ASP D 67 37.89 7.48 -21.85
N LYS D 68 36.65 7.04 -22.08
CA LYS D 68 36.24 5.63 -22.04
C LYS D 68 36.03 5.08 -20.63
N THR D 69 36.05 5.95 -19.63
CA THR D 69 35.89 5.52 -18.27
C THR D 69 34.70 6.15 -17.63
N VAL D 70 34.25 5.50 -16.56
CA VAL D 70 33.36 6.12 -15.60
C VAL D 70 34.20 6.35 -14.35
N LYS D 71 34.04 7.51 -13.74
CA LYS D 71 34.68 7.75 -12.45
C LYS D 71 33.64 7.97 -11.35
N LEU D 72 33.94 7.43 -10.18
CA LEU D 72 33.11 7.57 -8.99
C LEU D 72 33.81 8.48 -8.02
N TRP D 73 33.08 9.46 -7.52
CA TRP D 73 33.60 10.49 -6.63
C TRP D 73 32.74 10.58 -5.39
N ASN D 74 33.35 10.98 -4.28
CA ASN D 74 32.54 11.38 -3.15
C ASN D 74 32.14 12.87 -3.27
N ARG D 75 31.17 13.25 -2.45
CA ARG D 75 30.59 14.61 -2.49
C ARG D 75 31.59 15.70 -2.25
N ASN D 76 32.67 15.34 -1.55
CA ASN D 76 33.73 16.27 -1.22
C ASN D 76 34.80 16.38 -2.28
N GLY D 77 34.57 15.77 -3.43
CA GLY D 77 35.43 16.00 -4.58
C GLY D 77 36.51 14.96 -4.80
N GLN D 78 36.55 13.96 -3.93
CA GLN D 78 37.62 12.95 -3.97
C GLN D 78 37.29 11.83 -4.93
N LEU D 79 38.24 11.47 -5.78
CA LEU D 79 38.08 10.33 -6.68
C LEU D 79 38.12 9.02 -5.89
N LEU D 80 37.11 8.18 -6.07
CA LEU D 80 37.01 6.90 -5.37
C LEU D 80 37.42 5.73 -6.25
N GLN D 81 36.91 5.69 -7.49
CA GLN D 81 37.16 4.57 -8.39
C GLN D 81 37.11 5.03 -9.82
N THR D 82 37.85 4.32 -10.66
CA THR D 82 37.74 4.47 -12.08
C THR D 82 37.30 3.14 -12.65
N LEU D 83 36.21 3.15 -13.42
CA LEU D 83 35.67 1.95 -14.05
C LEU D 83 36.15 1.90 -15.50
N THR D 84 37.03 0.94 -15.77
CA THR D 84 37.66 0.76 -17.06
C THR D 84 37.19 -0.52 -17.73
N GLY D 85 36.97 -0.46 -19.05
CA GLY D 85 36.46 -1.61 -19.78
C GLY D 85 35.81 -1.26 -21.08
N HIS D 86 35.10 -0.12 -21.14
CA HIS D 86 34.51 0.29 -22.41
C HIS D 86 35.62 0.56 -23.42
N SER D 87 35.35 0.28 -24.69
CA SER D 87 36.35 0.47 -25.73
C SER D 87 36.16 1.80 -26.47
N SER D 88 35.15 2.56 -26.08
CA SER D 88 34.90 3.86 -26.68
C SER D 88 34.22 4.82 -25.67
N SER D 89 33.89 6.03 -26.11
CA SER D 89 33.27 7.03 -25.24
C SER D 89 32.14 6.48 -24.43
N VAL D 90 32.05 6.94 -23.20
CA VAL D 90 30.93 6.62 -22.32
C VAL D 90 30.06 7.86 -22.28
N TRP D 91 28.81 7.74 -22.71
CA TRP D 91 27.88 8.87 -22.82
C TRP D 91 26.99 9.04 -21.61
N GLY D 92 26.63 7.92 -20.96
CA GLY D 92 25.63 7.94 -19.93
C GLY D 92 26.00 7.04 -18.77
N VAL D 93 25.47 7.38 -17.60
CA VAL D 93 25.74 6.59 -16.41
C VAL D 93 24.52 6.66 -15.50
N ALA D 94 24.25 5.58 -14.76
CA ALA D 94 23.12 5.51 -13.83
C ALA D 94 23.38 4.60 -12.64
N PHE D 95 22.77 4.90 -11.52
CA PHE D 95 22.85 4.08 -10.32
C PHE D 95 21.56 3.31 -10.16
N SER D 96 21.65 2.07 -9.68
CA SER D 96 20.45 1.32 -9.28
C SER D 96 19.81 1.97 -8.06
N PRO D 97 18.52 1.70 -7.80
CA PRO D 97 17.85 2.35 -6.66
C PRO D 97 18.44 2.00 -5.29
N ASP D 98 19.04 0.83 -5.14
CA ASP D 98 19.79 0.51 -3.92
C ASP D 98 21.23 1.05 -3.90
N GLY D 99 21.65 1.71 -4.98
CA GLY D 99 22.97 2.35 -5.05
C GLY D 99 24.14 1.40 -5.20
N GLN D 100 23.90 0.09 -5.26
CA GLN D 100 24.99 -0.90 -5.30
C GLN D 100 25.49 -1.25 -6.70
N THR D 101 24.67 -0.97 -7.71
CA THR D 101 25.07 -1.21 -9.08
C THR D 101 25.11 0.10 -9.87
N ILE D 102 26.11 0.21 -10.74
CA ILE D 102 26.25 1.32 -11.68
C ILE D 102 26.11 0.75 -13.08
N ALA D 103 25.40 1.47 -13.92
CA ALA D 103 25.24 1.11 -15.34
C ALA D 103 25.85 2.21 -16.18
N SER D 104 26.59 1.80 -17.20
CA SER D 104 27.22 2.75 -18.12
C SER D 104 26.79 2.49 -19.56
N ALA D 105 26.58 3.56 -20.32
CA ALA D 105 26.16 3.49 -21.72
C ALA D 105 27.24 4.07 -22.64
N SER D 106 27.66 3.29 -23.61
CA SER D 106 28.83 3.64 -24.39
C SER D 106 28.58 3.65 -25.90
N ASP D 107 29.37 4.48 -26.55
CA ASP D 107 29.57 4.47 -27.99
C ASP D 107 30.00 3.10 -28.55
N ASP D 108 30.58 2.23 -27.72
CA ASP D 108 30.99 0.88 -28.15
C ASP D 108 29.82 -0.10 -28.28
N LYS D 109 28.60 0.41 -28.17
CA LYS D 109 27.36 -0.33 -28.42
C LYS D 109 26.92 -1.22 -27.27
N THR D 110 27.54 -1.04 -26.10
CA THR D 110 27.21 -1.89 -24.96
C THR D 110 26.80 -1.05 -23.78
N VAL D 111 26.04 -1.68 -22.90
CA VAL D 111 25.87 -1.21 -21.53
C VAL D 111 26.69 -2.14 -20.63
N LYS D 112 27.41 -1.54 -19.68
CA LYS D 112 28.12 -2.33 -18.69
C LYS D 112 27.58 -2.06 -17.31
N LEU D 113 27.54 -3.13 -16.50
CA LEU D 113 27.08 -3.06 -15.11
C LEU D 113 28.25 -3.33 -14.17
N TRP D 114 28.39 -2.47 -13.16
CA TRP D 114 29.52 -2.47 -12.24
C TRP D 114 29.04 -2.43 -10.80
N ASN D 115 29.88 -2.89 -9.88
CA ASN D 115 29.72 -2.58 -8.47
C ASN D 115 30.57 -1.35 -8.05
N ARG D 116 30.36 -0.89 -6.82
CA ARG D 116 31.01 0.33 -6.32
C ARG D 116 32.49 0.20 -6.07
N ASN D 117 33.00 -1.02 -5.97
CA ASN D 117 34.46 -1.20 -5.91
C ASN D 117 35.05 -1.32 -7.31
N GLY D 118 34.28 -0.99 -8.35
CA GLY D 118 34.82 -0.88 -9.70
C GLY D 118 34.88 -2.16 -10.50
N GLN D 119 34.31 -3.24 -9.98
CA GLN D 119 34.36 -4.50 -10.71
C GLN D 119 33.28 -4.59 -11.78
N LEU D 120 33.67 -5.08 -12.95
CA LEU D 120 32.72 -5.30 -14.03
C LEU D 120 31.90 -6.54 -13.74
N LEU D 121 30.57 -6.39 -13.69
CA LEU D 121 29.68 -7.49 -13.38
C LEU D 121 29.16 -8.12 -14.65
N GLN D 122 28.82 -7.30 -15.62
CA GLN D 122 28.09 -7.76 -16.78
C GLN D 122 28.20 -6.78 -17.94
N THR D 123 28.17 -7.31 -19.17
CA THR D 123 28.12 -6.48 -20.38
C THR D 123 26.84 -6.83 -21.15
N LEU D 124 25.99 -5.83 -21.41
CA LEU D 124 24.75 -6.06 -22.17
C LEU D 124 25.01 -5.73 -23.65
N THR D 125 24.99 -6.76 -24.49
CA THR D 125 25.28 -6.59 -25.91
C THR D 125 24.03 -6.92 -26.72
N GLY D 126 23.86 -6.23 -27.83
CA GLY D 126 22.64 -6.37 -28.61
C GLY D 126 22.31 -5.14 -29.43
N HIS D 127 22.60 -3.95 -28.93
CA HIS D 127 22.45 -2.75 -29.72
C HIS D 127 23.40 -2.76 -30.90
N SER D 128 22.92 -2.30 -32.07
CA SER D 128 23.74 -2.24 -33.26
C SER D 128 24.41 -0.86 -33.44
N SER D 129 24.24 0.01 -32.45
CA SER D 129 24.81 1.37 -32.51
C SER D 129 25.13 1.92 -31.14
N SER D 130 25.80 3.06 -31.14
CA SER D 130 26.11 3.79 -29.93
C SER D 130 24.91 3.83 -28.97
N VAL D 131 25.17 3.51 -27.69
CA VAL D 131 24.17 3.56 -26.64
C VAL D 131 24.43 4.85 -25.89
N TRP D 132 23.46 5.75 -25.92
CA TRP D 132 23.61 7.06 -25.29
C TRP D 132 22.94 7.19 -23.92
N GLY D 133 21.94 6.37 -23.65
CA GLY D 133 21.17 6.47 -22.41
C GLY D 133 20.99 5.14 -21.74
N VAL D 134 21.01 5.18 -20.42
CA VAL D 134 20.71 4.01 -19.62
C VAL D 134 20.02 4.44 -18.33
N ALA D 135 19.05 3.64 -17.90
CA ALA D 135 18.33 3.91 -16.67
C ALA D 135 17.81 2.61 -16.07
N PHE D 136 17.75 2.58 -14.74
CA PHE D 136 17.12 1.52 -14.04
C PHE D 136 15.66 1.91 -13.87
N SER D 137 14.79 0.91 -13.94
CA SER D 137 13.42 1.13 -13.56
C SER D 137 13.40 1.49 -12.05
N PRO D 138 12.35 2.17 -11.59
CA PRO D 138 12.20 2.50 -10.16
C PRO D 138 12.28 1.33 -9.17
N ASP D 139 11.75 0.15 -9.54
CA ASP D 139 11.91 -1.02 -8.69
C ASP D 139 13.31 -1.66 -8.83
N GLY D 140 14.06 -1.27 -9.86
CA GLY D 140 15.44 -1.69 -10.05
C GLY D 140 15.62 -3.02 -10.74
N GLN D 141 14.52 -3.66 -11.13
CA GLN D 141 14.57 -5.02 -11.67
C GLN D 141 14.73 -5.02 -13.16
N THR D 142 14.45 -3.87 -13.79
CA THR D 142 14.66 -3.72 -15.21
C THR D 142 15.68 -2.61 -15.53
N ILE D 143 16.50 -2.83 -16.56
CA ILE D 143 17.41 -1.81 -17.07
C ILE D 143 16.94 -1.45 -18.47
N ALA D 144 16.86 -0.15 -18.75
CA ALA D 144 16.50 0.33 -20.06
C ALA D 144 17.68 1.05 -20.67
N SER D 145 17.93 0.79 -21.95
CA SER D 145 19.00 1.45 -22.69
C SER D 145 18.47 1.98 -24.00
N ALA D 146 18.98 3.14 -24.40
CA ALA D 146 18.55 3.81 -25.61
C ALA D 146 19.76 4.05 -26.50
N SER D 147 19.58 3.79 -27.79
CA SER D 147 20.66 3.76 -28.75
C SER D 147 20.36 4.62 -29.98
N ASP D 148 21.41 5.03 -30.68
CA ASP D 148 21.29 5.62 -32.01
C ASP D 148 20.68 4.67 -33.04
N ASP D 149 20.67 3.37 -32.78
CA ASP D 149 19.97 2.43 -33.69
C ASP D 149 18.44 2.66 -33.64
N LYS D 150 18.01 3.71 -32.94
CA LYS D 150 16.62 4.11 -32.80
C LYS D 150 15.80 3.10 -32.01
N THR D 151 16.45 2.30 -31.17
CA THR D 151 15.73 1.34 -30.36
C THR D 151 15.97 1.58 -28.89
N VAL D 152 15.03 1.09 -28.10
CA VAL D 152 15.18 1.03 -26.67
C VAL D 152 15.06 -0.44 -26.33
N LYS D 153 15.98 -0.90 -25.48
CA LYS D 153 16.00 -2.29 -25.08
C LYS D 153 15.82 -2.36 -23.58
N LEU D 154 15.04 -3.35 -23.17
CA LEU D 154 14.82 -3.60 -21.77
C LEU D 154 15.51 -4.89 -21.39
N TRP D 155 16.23 -4.86 -20.27
CA TRP D 155 17.01 -6.00 -19.82
C TRP D 155 16.70 -6.29 -18.37
N ASN D 156 16.81 -7.53 -17.97
CA ASN D 156 16.83 -7.86 -16.54
C ASN D 156 18.24 -7.73 -15.97
N ARG D 157 18.32 -7.91 -14.66
CA ARG D 157 19.56 -7.68 -13.91
C ARG D 157 20.66 -8.69 -14.21
N ASN D 158 20.23 -9.88 -14.64
CA ASN D 158 21.13 -10.92 -15.12
C ASN D 158 21.59 -10.73 -16.56
N GLY D 159 21.26 -9.60 -17.18
CA GLY D 159 21.80 -9.26 -18.49
C GLY D 159 21.04 -9.87 -19.65
N GLN D 160 19.89 -10.49 -19.38
CA GLN D 160 19.06 -11.05 -20.44
C GLN D 160 18.15 -9.99 -21.06
N LEU D 161 18.11 -9.99 -22.38
CA LEU D 161 17.27 -9.07 -23.13
C LEU D 161 15.84 -9.52 -22.96
N LEU D 162 14.99 -8.62 -22.49
CA LEU D 162 13.57 -8.91 -22.29
C LEU D 162 12.74 -8.49 -23.49
N GLN D 163 12.95 -7.27 -23.95
CA GLN D 163 12.18 -6.78 -25.09
C GLN D 163 12.92 -5.59 -25.73
N THR D 164 12.58 -5.38 -27.00
CA THR D 164 13.07 -4.26 -27.76
C THR D 164 11.87 -3.44 -28.22
N LEU D 165 11.96 -2.14 -28.00
CA LEU D 165 10.99 -1.17 -28.50
C LEU D 165 11.68 -0.38 -29.66
N THR D 166 11.03 -0.09 -30.79
CA THR D 166 11.75 0.57 -31.92
C THR D 166 11.39 2.06 -32.11
N SER E 7 11.29 7.03 23.81
CA SER E 7 11.47 6.70 22.38
C SER E 7 10.12 6.50 21.70
N VAL E 8 10.07 6.88 20.43
CA VAL E 8 8.89 6.74 19.60
C VAL E 8 9.10 5.60 18.58
N TRP E 9 8.03 4.99 18.09
CA TRP E 9 8.16 3.79 17.25
C TRP E 9 8.56 4.18 15.83
N GLY E 10 9.60 3.57 15.28
CA GLY E 10 10.19 3.98 14.01
C GLY E 10 10.18 2.94 12.89
N VAL E 11 9.22 2.04 12.93
CA VAL E 11 9.17 0.94 11.98
C VAL E 11 7.73 0.79 11.56
N ALA E 12 7.50 0.47 10.29
CA ALA E 12 6.16 0.17 9.79
C ALA E 12 6.14 -0.97 8.77
N PHE E 13 5.11 -1.78 8.83
CA PHE E 13 4.89 -2.81 7.83
C PHE E 13 3.95 -2.36 6.74
N SER E 14 4.23 -2.79 5.52
CA SER E 14 3.22 -2.75 4.46
C SER E 14 2.04 -3.66 4.81
N PRO E 15 0.85 -3.45 4.19
CA PRO E 15 -0.34 -4.25 4.51
C PRO E 15 -0.19 -5.77 4.38
N ASP E 16 0.66 -6.21 3.46
CA ASP E 16 0.93 -7.64 3.28
C ASP E 16 2.16 -8.12 4.08
N GLY E 17 2.86 -7.19 4.75
CA GLY E 17 4.06 -7.54 5.52
C GLY E 17 5.33 -7.82 4.71
N GLN E 18 5.29 -7.57 3.41
CA GLN E 18 6.38 -7.90 2.51
C GLN E 18 7.41 -6.80 2.40
N THR E 19 7.05 -5.61 2.83
CA THR E 19 7.96 -4.50 2.89
C THR E 19 7.90 -3.90 4.28
N ILE E 20 9.06 -3.50 4.77
CA ILE E 20 9.17 -2.89 6.08
C ILE E 20 9.91 -1.59 5.92
N ALA E 21 9.34 -0.52 6.46
CA ALA E 21 9.99 0.79 6.46
C ALA E 21 10.53 1.07 7.84
N SER E 22 11.74 1.61 7.91
CA SER E 22 12.35 1.97 9.19
C SER E 22 13.03 3.35 9.15
N ALA E 23 12.78 4.13 10.21
CA ALA E 23 13.29 5.46 10.31
C ALA E 23 14.70 5.40 10.83
N SER E 24 15.48 6.37 10.40
CA SER E 24 16.81 6.58 10.94
C SER E 24 17.17 8.02 11.32
N ASP E 25 18.21 8.13 12.15
CA ASP E 25 18.75 9.44 12.51
C ASP E 25 19.80 9.92 11.50
N ASP E 26 19.96 9.20 10.38
CA ASP E 26 20.84 9.62 9.31
C ASP E 26 19.97 10.26 8.27
N LYS E 27 18.74 10.52 8.69
CA LYS E 27 17.80 11.37 7.98
C LYS E 27 17.12 10.68 6.81
N THR E 28 17.20 9.36 6.75
CA THR E 28 16.59 8.63 5.69
C THR E 28 15.57 7.65 6.24
N VAL E 29 14.72 7.18 5.35
CA VAL E 29 13.86 6.05 5.60
C VAL E 29 14.43 4.95 4.72
N LYS E 30 14.52 3.75 5.26
CA LYS E 30 14.93 2.62 4.48
C LYS E 30 13.79 1.63 4.34
N LEU E 31 13.65 1.08 3.13
CA LEU E 31 12.69 0.04 2.84
C LEU E 31 13.41 -1.28 2.71
N TRP E 32 12.92 -2.25 3.45
CA TRP E 32 13.53 -3.59 3.48
C TRP E 32 12.51 -4.60 3.05
N ASN E 33 12.98 -5.68 2.44
CA ASN E 33 12.11 -6.84 2.28
C ASN E 33 12.15 -7.63 3.57
N ARG E 34 11.27 -8.63 3.66
CA ARG E 34 11.18 -9.42 4.84
C ARG E 34 12.46 -10.22 4.57
N ASN E 35 13.20 -10.64 5.57
CA ASN E 35 14.48 -11.30 5.35
C ASN E 35 15.65 -10.36 5.09
N GLY E 36 15.42 -9.06 5.21
CA GLY E 36 16.50 -8.15 5.53
C GLY E 36 17.31 -7.49 4.43
N GLN E 37 16.93 -7.67 3.18
CA GLN E 37 17.60 -6.94 2.10
C GLN E 37 17.07 -5.53 1.89
N LEU E 38 17.99 -4.57 1.75
CA LEU E 38 17.65 -3.18 1.51
C LEU E 38 17.13 -3.00 0.09
N LEU E 39 15.93 -2.44 -0.04
CA LEU E 39 15.31 -2.21 -1.34
C LEU E 39 15.50 -0.75 -1.82
N GLN E 40 15.27 0.20 -0.92
CA GLN E 40 15.27 1.64 -1.22
C GLN E 40 15.75 2.45 -0.01
N THR E 41 16.41 3.57 -0.27
CA THR E 41 16.68 4.60 0.74
C THR E 41 15.94 5.84 0.31
N LEU E 42 15.08 6.36 1.18
CA LEU E 42 14.31 7.57 0.92
C LEU E 42 15.06 8.77 1.50
N THR E 43 15.61 9.59 0.61
CA THR E 43 16.51 10.67 0.95
C THR E 43 15.82 11.98 0.66
N GLY E 44 15.92 12.92 1.58
CA GLY E 44 15.29 14.21 1.40
C GLY E 44 15.07 14.96 2.68
N HIS E 45 14.78 14.26 3.78
CA HIS E 45 14.64 14.94 5.07
C HIS E 45 15.99 15.59 5.44
N SER E 46 15.91 16.73 6.09
CA SER E 46 17.12 17.47 6.46
C SER E 46 17.42 17.32 7.95
N SER E 47 16.70 16.43 8.62
CA SER E 47 17.05 15.99 9.96
C SER E 47 16.55 14.57 10.27
N SER E 48 16.70 14.13 11.52
CA SER E 48 16.29 12.81 11.96
C SER E 48 14.86 12.46 11.58
N VAL E 49 14.66 11.21 11.21
CA VAL E 49 13.31 10.71 10.89
C VAL E 49 12.87 9.87 12.07
N TRP E 50 11.68 10.16 12.57
CA TRP E 50 11.21 9.54 13.82
C TRP E 50 10.08 8.55 13.59
N GLY E 51 9.16 8.86 12.70
CA GLY E 51 8.00 8.01 12.51
C GLY E 51 7.75 7.73 11.06
N VAL E 52 7.24 6.53 10.79
CA VAL E 52 6.92 6.10 9.43
C VAL E 52 5.59 5.39 9.44
N ALA E 53 4.87 5.44 8.33
CA ALA E 53 3.64 4.68 8.13
C ALA E 53 3.44 4.35 6.67
N PHE E 54 2.76 3.24 6.42
CA PHE E 54 2.34 2.86 5.08
C PHE E 54 0.84 3.15 4.90
N SER E 55 0.47 3.58 3.72
CA SER E 55 -0.94 3.78 3.38
C SER E 55 -1.60 2.41 3.26
N PRO E 56 -2.93 2.34 3.42
CA PRO E 56 -3.60 1.02 3.38
C PRO E 56 -3.54 0.30 2.04
N ASP E 57 -3.40 1.04 0.95
CA ASP E 57 -3.09 0.41 -0.33
C ASP E 57 -1.59 0.03 -0.51
N GLY E 58 -0.74 0.34 0.45
CA GLY E 58 0.65 -0.07 0.40
C GLY E 58 1.54 0.73 -0.53
N GLN E 59 0.98 1.71 -1.22
CA GLN E 59 1.69 2.40 -2.27
C GLN E 59 2.32 3.69 -1.84
N THR E 60 1.86 4.27 -0.74
CA THR E 60 2.47 5.48 -0.20
C THR E 60 3.08 5.22 1.16
N ILE E 61 4.20 5.88 1.42
CA ILE E 61 4.84 5.85 2.71
C ILE E 61 4.88 7.27 3.23
N ALA E 62 4.58 7.44 4.50
CA ALA E 62 4.72 8.74 5.16
C ALA E 62 5.85 8.68 6.16
N SER E 63 6.60 9.77 6.26
CA SER E 63 7.69 9.89 7.21
C SER E 63 7.54 11.18 8.01
N ALA E 64 7.74 11.08 9.31
CA ALA E 64 7.74 12.23 10.18
C ALA E 64 9.16 12.53 10.64
N SER E 65 9.53 13.80 10.56
CA SER E 65 10.92 14.20 10.83
C SER E 65 11.07 15.36 11.81
N ASP E 66 12.23 15.34 12.46
CA ASP E 66 12.70 16.43 13.25
C ASP E 66 12.81 17.74 12.45
N ASP E 67 12.90 17.66 11.12
CA ASP E 67 12.97 18.84 10.27
C ASP E 67 11.62 19.55 10.11
N LYS E 68 10.64 19.14 10.91
CA LYS E 68 9.31 19.78 11.03
C LYS E 68 8.33 19.43 9.93
N THR E 69 8.71 18.49 9.07
CA THR E 69 7.88 18.15 7.96
C THR E 69 7.48 16.68 8.02
N VAL E 70 6.44 16.39 7.28
CA VAL E 70 6.14 15.01 6.92
C VAL E 70 6.39 14.92 5.43
N LYS E 71 6.99 13.83 5.00
CA LYS E 71 7.13 13.61 3.58
C LYS E 71 6.36 12.36 3.16
N LEU E 72 5.80 12.43 1.95
CA LEU E 72 5.09 11.31 1.34
C LEU E 72 5.89 10.81 0.18
N TRP E 73 6.06 9.49 0.14
CA TRP E 73 6.86 8.83 -0.88
C TRP E 73 6.10 7.70 -1.53
N ASN E 74 6.40 7.41 -2.79
CA ASN E 74 5.86 6.21 -3.34
C ASN E 74 6.78 5.05 -2.96
N ARG E 75 6.26 3.85 -3.16
CA ARG E 75 6.96 2.65 -2.78
C ARG E 75 8.25 2.42 -3.54
N ASN E 76 8.41 3.07 -4.68
CA ASN E 76 9.63 2.95 -5.45
C ASN E 76 10.65 4.05 -5.14
N GLY E 77 10.43 4.75 -4.04
CA GLY E 77 11.43 5.66 -3.47
C GLY E 77 11.30 7.13 -3.83
N GLN E 78 10.31 7.44 -4.65
CA GLN E 78 10.18 8.79 -5.15
C GLN E 78 9.46 9.69 -4.17
N LEU E 79 10.00 10.88 -3.92
CA LEU E 79 9.34 11.87 -3.08
C LEU E 79 8.13 12.40 -3.83
N LEU E 80 6.97 12.36 -3.18
CA LEU E 80 5.73 12.87 -3.76
C LEU E 80 5.35 14.26 -3.21
N GLN E 81 5.37 14.42 -1.89
CA GLN E 81 4.95 15.66 -1.26
C GLN E 81 5.71 15.89 0.01
N THR E 82 5.86 17.16 0.34
CA THR E 82 6.32 17.56 1.65
C THR E 82 5.24 18.36 2.32
N LEU E 83 4.88 17.95 3.53
CA LEU E 83 3.82 18.61 4.28
C LEU E 83 4.47 19.54 5.29
N THR E 84 4.30 20.84 5.05
CA THR E 84 4.88 21.89 5.82
C THR E 84 3.83 22.65 6.58
N GLY E 85 4.14 22.96 7.84
CA GLY E 85 3.20 23.68 8.69
C GLY E 85 3.47 23.54 10.17
N HIS E 86 3.96 22.38 10.60
CA HIS E 86 4.36 22.24 12.01
C HIS E 86 5.49 23.20 12.32
N SER E 87 5.50 23.72 13.53
CA SER E 87 6.52 24.68 13.95
C SER E 87 7.64 24.02 14.74
N SER E 88 7.57 22.69 14.91
CA SER E 88 8.61 21.93 15.62
C SER E 88 8.65 20.47 15.13
N SER E 89 9.52 19.65 15.72
CA SER E 89 9.65 18.23 15.33
C SER E 89 8.32 17.54 15.17
N VAL E 90 8.24 16.67 14.16
CA VAL E 90 7.13 15.78 13.97
C VAL E 90 7.56 14.39 14.41
N TRP E 91 6.87 13.82 15.39
CA TRP E 91 7.21 12.52 15.97
C TRP E 91 6.45 11.35 15.34
N GLY E 92 5.22 11.58 14.95
CA GLY E 92 4.32 10.49 14.59
C GLY E 92 3.48 10.86 13.39
N VAL E 93 3.09 9.83 12.65
CA VAL E 93 2.32 10.00 11.45
C VAL E 93 1.41 8.78 11.29
N ALA E 94 0.19 9.02 10.79
CA ALA E 94 -0.75 7.93 10.52
C ALA E 94 -1.61 8.23 9.30
N PHE E 95 -2.06 7.18 8.62
CA PHE E 95 -3.01 7.29 7.51
C PHE E 95 -4.40 6.93 8.02
N SER E 96 -5.43 7.62 7.52
CA SER E 96 -6.79 7.18 7.75
C SER E 96 -7.03 5.85 7.05
N PRO E 97 -8.05 5.12 7.48
CA PRO E 97 -8.33 3.83 6.84
C PRO E 97 -8.62 3.90 5.35
N ASP E 98 -9.19 5.01 4.88
CA ASP E 98 -9.41 5.18 3.43
C ASP E 98 -8.19 5.70 2.68
N GLY E 99 -7.11 5.95 3.39
CA GLY E 99 -5.87 6.40 2.80
C GLY E 99 -5.84 7.83 2.29
N GLN E 100 -6.96 8.57 2.44
CA GLN E 100 -7.06 9.92 1.90
C GLN E 100 -6.61 11.01 2.84
N THR E 101 -6.56 10.71 4.13
CA THR E 101 -6.11 11.68 5.12
C THR E 101 -4.88 11.18 5.86
N ILE E 102 -3.96 12.11 6.12
CA ILE E 102 -2.77 11.85 6.90
C ILE E 102 -2.86 12.68 8.16
N ALA E 103 -2.50 12.09 9.29
CA ALA E 103 -2.43 12.80 10.57
C ALA E 103 -0.99 12.82 11.04
N SER E 104 -0.56 13.98 11.53
CA SER E 104 0.80 14.16 12.04
C SER E 104 0.79 14.67 13.48
N ALA E 105 1.73 14.15 14.29
CA ALA E 105 1.82 14.48 15.70
C ALA E 105 3.15 15.16 15.98
N SER E 106 3.09 16.35 16.57
CA SER E 106 4.25 17.20 16.67
C SER E 106 4.58 17.67 18.09
N ASP E 107 5.86 17.93 18.28
CA ASP E 107 6.38 18.63 19.44
C ASP E 107 5.78 20.01 19.64
N ASP E 108 5.22 20.60 18.59
CA ASP E 108 4.54 21.91 18.71
C ASP E 108 3.15 21.85 19.37
N LYS E 109 2.80 20.68 19.91
CA LYS E 109 1.59 20.47 20.73
C LYS E 109 0.31 20.29 19.90
N THR E 110 0.44 20.12 18.59
CA THR E 110 -0.72 19.97 17.73
C THR E 110 -0.67 18.68 16.95
N VAL E 111 -1.84 18.22 16.56
CA VAL E 111 -1.98 17.27 15.49
C VAL E 111 -2.46 18.01 14.27
N LYS E 112 -1.87 17.72 13.12
CA LYS E 112 -2.35 18.28 11.87
C LYS E 112 -2.90 17.18 10.96
N LEU E 113 -3.96 17.50 10.23
CA LEU E 113 -4.56 16.60 9.25
C LEU E 113 -4.34 17.16 7.85
N TRP E 114 -3.88 16.30 6.96
CA TRP E 114 -3.54 16.63 5.59
C TRP E 114 -4.17 15.70 4.56
N ASN E 115 -4.30 16.17 3.32
CA ASN E 115 -4.62 15.29 2.20
C ASN E 115 -3.34 14.87 1.48
N ARG E 116 -3.46 13.97 0.53
CA ARG E 116 -2.33 13.42 -0.19
C ARG E 116 -1.67 14.38 -1.12
N ASN E 117 -2.33 15.47 -1.47
CA ASN E 117 -1.69 16.55 -2.24
C ASN E 117 -0.98 17.55 -1.35
N GLY E 118 -0.89 17.25 -0.07
CA GLY E 118 -0.13 18.10 0.83
C GLY E 118 -0.84 19.29 1.43
N GLN E 119 -2.13 19.40 1.19
CA GLN E 119 -2.87 20.51 1.76
C GLN E 119 -3.24 20.26 3.21
N LEU E 120 -3.05 21.29 4.01
CA LEU E 120 -3.43 21.25 5.39
C LEU E 120 -4.94 21.39 5.50
N LEU E 121 -5.58 20.41 6.12
CA LEU E 121 -7.04 20.39 6.26
C LEU E 121 -7.51 20.91 7.60
N GLN E 122 -6.76 20.59 8.64
CA GLN E 122 -7.13 20.87 9.98
C GLN E 122 -6.00 20.81 10.98
N THR E 123 -6.05 21.66 12.00
CA THR E 123 -5.09 21.62 13.11
C THR E 123 -5.87 21.35 14.38
N LEU E 124 -5.49 20.29 15.09
CA LEU E 124 -6.11 19.97 16.39
C LEU E 124 -5.27 20.51 17.55
N THR E 125 -5.80 21.48 18.25
CA THR E 125 -5.11 22.19 19.30
C THR E 125 -5.79 21.93 20.63
N GLY E 126 -5.01 21.83 21.70
CA GLY E 126 -5.58 21.48 23.00
C GLY E 126 -4.62 20.80 23.94
N HIS E 127 -3.73 19.99 23.40
CA HIS E 127 -2.68 19.41 24.22
C HIS E 127 -1.76 20.51 24.77
N SER E 128 -1.35 20.38 26.02
CA SER E 128 -0.50 21.38 26.65
C SER E 128 0.97 21.01 26.50
N SER E 129 1.26 19.96 25.75
CA SER E 129 2.60 19.48 25.60
C SER E 129 2.82 18.72 24.30
N SER E 130 4.06 18.41 24.00
CA SER E 130 4.42 17.62 22.83
C SER E 130 3.49 16.43 22.61
N VAL E 131 3.02 16.28 21.36
CA VAL E 131 2.17 15.16 20.96
C VAL E 131 3.07 14.16 20.21
N TRP E 132 3.19 12.97 20.76
CA TRP E 132 4.10 11.97 20.20
C TRP E 132 3.41 10.89 19.38
N GLY E 133 2.13 10.65 19.64
CA GLY E 133 1.39 9.59 18.97
C GLY E 133 0.04 10.05 18.43
N VAL E 134 -0.33 9.50 17.29
CA VAL E 134 -1.63 9.75 16.70
C VAL E 134 -2.10 8.48 15.98
N ALA E 135 -3.40 8.21 16.07
CA ALA E 135 -4.01 7.11 15.36
C ALA E 135 -5.49 7.38 15.02
N PHE E 136 -5.95 6.84 13.90
CA PHE E 136 -7.36 6.90 13.55
C PHE E 136 -8.10 5.71 14.15
N SER E 137 -9.36 5.89 14.49
CA SER E 137 -10.25 4.76 14.80
C SER E 137 -10.48 3.94 13.51
N PRO E 138 -10.92 2.68 13.64
CA PRO E 138 -11.15 1.81 12.46
C PRO E 138 -12.14 2.37 11.45
N ASP E 139 -13.16 3.07 11.89
CA ASP E 139 -14.09 3.69 10.95
C ASP E 139 -13.54 4.99 10.40
N GLY E 140 -12.49 5.51 11.03
CA GLY E 140 -11.80 6.70 10.55
C GLY E 140 -12.40 8.03 11.00
N GLN E 141 -13.46 7.98 11.78
CA GLN E 141 -14.22 9.17 12.12
C GLN E 141 -13.73 9.80 13.41
N THR E 142 -12.99 9.03 14.21
CA THR E 142 -12.36 9.54 15.42
C THR E 142 -10.84 9.49 15.30
N ILE E 143 -10.19 10.52 15.81
CA ILE E 143 -8.74 10.56 15.86
C ILE E 143 -8.32 10.59 17.31
N ALA E 144 -7.34 9.77 17.64
CA ALA E 144 -6.80 9.75 19.00
C ALA E 144 -5.37 10.25 18.96
N SER E 145 -5.02 11.09 19.94
CA SER E 145 -3.65 11.61 20.08
C SER E 145 -3.16 11.44 21.50
N ALA E 146 -1.87 11.16 21.65
CA ALA E 146 -1.22 10.94 22.94
C ALA E 146 -0.07 11.91 23.09
N SER E 147 0.00 12.50 24.29
CA SER E 147 0.90 13.62 24.55
C SER E 147 1.73 13.39 25.80
N ASP E 148 2.86 14.09 25.87
CA ASP E 148 3.65 14.17 27.11
C ASP E 148 2.90 14.83 28.27
N ASP E 149 1.81 15.56 28.00
CA ASP E 149 0.96 16.08 29.08
C ASP E 149 0.22 14.94 29.82
N LYS E 150 0.55 13.69 29.46
CA LYS E 150 0.02 12.48 30.09
C LYS E 150 -1.46 12.30 29.77
N THR E 151 -1.94 12.89 28.68
CA THR E 151 -3.34 12.72 28.33
C THR E 151 -3.46 12.10 26.95
N VAL E 152 -4.62 11.50 26.71
CA VAL E 152 -5.01 11.08 25.41
C VAL E 152 -6.29 11.85 25.10
N LYS E 153 -6.34 12.40 23.89
CA LYS E 153 -7.49 13.17 23.48
C LYS E 153 -8.12 12.52 22.26
N LEU E 154 -9.45 12.54 22.25
CA LEU E 154 -10.20 12.04 21.13
C LEU E 154 -10.84 13.19 20.40
N TRP E 155 -10.72 13.18 19.08
CA TRP E 155 -11.25 14.25 18.25
C TRP E 155 -12.10 13.71 17.14
N ASN E 156 -13.05 14.50 16.66
CA ASN E 156 -13.72 14.20 15.40
C ASN E 156 -12.95 14.82 14.23
N ARG E 157 -13.41 14.51 13.02
CA ARG E 157 -12.68 14.89 11.80
C ARG E 157 -12.71 16.39 11.54
N ASN E 158 -13.79 17.03 12.04
CA ASN E 158 -13.93 18.48 12.00
C ASN E 158 -13.08 19.19 13.03
N GLY E 159 -12.25 18.44 13.74
CA GLY E 159 -11.25 19.04 14.62
C GLY E 159 -11.79 19.46 15.95
N GLN E 160 -13.00 19.04 16.27
CA GLN E 160 -13.57 19.25 17.58
C GLN E 160 -13.10 18.19 18.59
N LEU E 161 -12.71 18.66 19.77
CA LEU E 161 -12.32 17.80 20.86
C LEU E 161 -13.58 17.14 21.40
N LEU E 162 -13.56 15.82 21.46
CA LEU E 162 -14.69 15.05 21.96
C LEU E 162 -14.48 14.77 23.43
N GLN E 163 -13.30 14.25 23.76
CA GLN E 163 -13.02 13.83 25.08
C GLN E 163 -11.56 13.81 25.38
N THR E 164 -11.24 13.93 26.67
CA THR E 164 -9.88 13.76 27.17
C THR E 164 -9.83 12.63 28.19
N LEU E 165 -8.90 11.72 27.99
CA LEU E 165 -8.66 10.65 28.93
C LEU E 165 -7.36 10.97 29.65
N THR E 166 -7.52 10.83 30.99
CA THR E 166 -6.48 10.66 32.04
C THR E 166 -7.04 9.75 33.16
N ALA F 2 -6.27 -6.97 8.44
CA ALA F 2 -6.25 -7.03 9.94
C ALA F 2 -4.83 -6.89 10.52
N MET F 3 -4.62 -5.90 11.37
CA MET F 3 -3.30 -5.66 11.96
C MET F 3 -3.17 -6.31 13.34
N GLY F 4 -1.95 -6.37 13.87
CA GLY F 4 -1.75 -6.73 15.26
C GLY F 4 -2.04 -5.52 16.12
N SER F 5 -2.15 -5.78 17.41
CA SER F 5 -2.57 -4.78 18.37
C SER F 5 -1.34 -4.58 19.21
N SER F 6 -0.90 -3.35 19.43
CA SER F 6 0.29 -3.10 20.25
C SER F 6 0.22 -1.82 21.08
N SER F 7 0.96 -1.84 22.19
CA SER F 7 1.07 -0.69 23.08
C SER F 7 2.00 0.42 22.54
N VAL F 8 2.61 0.20 21.38
CA VAL F 8 3.71 1.11 20.98
C VAL F 8 3.28 2.52 20.54
N TRP F 9 2.00 2.71 20.18
CA TRP F 9 1.43 3.98 19.69
C TRP F 9 0.71 4.75 20.79
N GLY F 10 0.64 4.17 21.99
CA GLY F 10 0.03 4.80 23.15
C GLY F 10 -1.48 4.84 23.14
N VAL F 11 -2.09 4.05 22.28
CA VAL F 11 -3.52 4.02 22.12
C VAL F 11 -3.91 2.57 21.94
N ALA F 12 -4.97 2.16 22.61
CA ALA F 12 -5.48 0.82 22.47
C ALA F 12 -6.99 1.05 22.36
N PHE F 13 -7.41 1.16 21.10
CA PHE F 13 -8.81 1.14 20.76
C PHE F 13 -9.22 -0.33 20.68
N SER F 14 -10.43 -0.64 21.11
CA SER F 14 -11.05 -1.91 20.78
C SER F 14 -11.33 -1.94 19.26
N PRO F 15 -11.51 -3.13 18.67
CA PRO F 15 -11.72 -3.24 17.21
C PRO F 15 -12.92 -2.46 16.65
N ASP F 16 -13.95 -2.27 17.45
CA ASP F 16 -15.09 -1.50 17.04
C ASP F 16 -14.96 -0.01 17.41
N GLY F 17 -13.89 0.36 18.12
CA GLY F 17 -13.67 1.75 18.50
C GLY F 17 -14.58 2.28 19.61
N GLN F 18 -15.33 1.39 20.25
CA GLN F 18 -16.29 1.78 21.29
C GLN F 18 -15.69 1.78 22.68
N THR F 19 -14.54 1.12 22.84
CA THR F 19 -13.85 1.09 24.13
C THR F 19 -12.40 1.49 23.91
N ILE F 20 -11.85 2.20 24.89
CA ILE F 20 -10.45 2.58 24.83
C ILE F 20 -9.80 2.26 26.22
N ALA F 21 -8.65 1.59 26.19
CA ALA F 21 -7.91 1.20 27.39
C ALA F 21 -6.71 2.12 27.61
N SER F 22 -6.48 2.51 28.86
CA SER F 22 -5.34 3.37 29.20
C SER F 22 -4.66 2.89 30.47
N ALA F 23 -3.34 2.91 30.45
CA ALA F 23 -2.56 2.59 31.62
C ALA F 23 -2.68 3.83 32.54
N SER F 24 -3.18 3.65 33.75
CA SER F 24 -3.39 4.76 34.69
C SER F 24 -2.12 4.93 35.49
N ASP F 25 -1.95 6.08 36.14
CA ASP F 25 -0.77 6.30 36.98
C ASP F 25 -0.91 5.69 38.40
N ASP F 26 -1.98 4.90 38.63
CA ASP F 26 -2.21 4.24 39.91
C ASP F 26 -2.20 2.65 39.94
N LYS F 27 -1.42 1.98 39.09
CA LYS F 27 -1.31 0.49 39.05
C LYS F 27 -2.56 -0.18 38.46
N THR F 28 -3.42 0.61 37.81
CA THR F 28 -4.62 0.08 37.20
C THR F 28 -4.64 0.34 35.72
N VAL F 29 -5.50 -0.39 35.03
CA VAL F 29 -5.88 -0.10 33.66
C VAL F 29 -7.31 0.37 33.71
N LYS F 30 -7.63 1.42 32.96
CA LYS F 30 -8.98 1.91 32.91
C LYS F 30 -9.54 1.74 31.52
N LEU F 31 -10.80 1.32 31.47
CA LEU F 31 -11.54 1.22 30.23
C LEU F 31 -12.54 2.34 30.15
N TRP F 32 -12.49 3.06 29.03
CA TRP F 32 -13.36 4.19 28.82
C TRP F 32 -14.22 3.93 27.61
N ASN F 33 -15.40 4.50 27.61
CA ASN F 33 -16.18 4.57 26.42
C ASN F 33 -15.75 5.77 25.61
N ARG F 34 -16.24 5.88 24.37
CA ARG F 34 -15.83 6.94 23.47
C ARG F 34 -16.30 8.32 23.95
N ASN F 35 -17.28 8.34 24.84
CA ASN F 35 -17.79 9.55 25.45
C ASN F 35 -17.03 10.00 26.71
N GLY F 36 -15.91 9.33 27.03
CA GLY F 36 -15.09 9.72 28.17
C GLY F 36 -15.58 9.20 29.50
N GLN F 37 -16.61 8.35 29.48
CA GLN F 37 -17.07 7.74 30.69
C GLN F 37 -16.26 6.50 31.07
N LEU F 38 -15.88 6.43 32.34
CA LEU F 38 -15.17 5.28 32.87
C LEU F 38 -16.10 4.08 32.96
N LEU F 39 -15.71 2.97 32.34
CA LEU F 39 -16.50 1.72 32.35
C LEU F 39 -16.01 0.69 33.35
N GLN F 40 -14.69 0.49 33.41
CA GLN F 40 -14.04 -0.49 34.28
C GLN F 40 -12.68 -0.01 34.73
N THR F 41 -12.29 -0.39 35.94
CA THR F 41 -10.93 -0.26 36.42
C THR F 41 -10.43 -1.67 36.63
N LEU F 42 -9.31 -2.00 36.00
CA LEU F 42 -8.68 -3.31 36.14
C LEU F 42 -7.61 -3.22 37.22
N THR F 43 -7.90 -3.88 38.35
CA THR F 43 -7.07 -3.82 39.56
C THR F 43 -6.42 -5.16 39.77
N GLY F 44 -5.13 -5.16 40.10
CA GLY F 44 -4.42 -6.39 40.34
C GLY F 44 -2.92 -6.25 40.25
N HIS F 45 -2.45 -5.38 39.37
CA HIS F 45 -1.00 -5.15 39.26
C HIS F 45 -0.51 -4.53 40.55
N SER F 46 0.70 -4.90 40.96
CA SER F 46 1.24 -4.41 42.22
C SER F 46 2.30 -3.34 42.00
N SER F 47 2.47 -2.89 40.76
CA SER F 47 3.19 -1.61 40.50
C SER F 47 2.65 -0.97 39.22
N SER F 48 3.34 0.06 38.78
CA SER F 48 2.95 0.82 37.60
C SER F 48 2.62 -0.04 36.41
N VAL F 49 1.58 0.39 35.68
CA VAL F 49 1.22 -0.22 34.42
C VAL F 49 1.73 0.68 33.31
N TRP F 50 2.49 0.10 32.39
CA TRP F 50 3.14 0.86 31.36
C TRP F 50 2.48 0.69 30.00
N GLY F 51 2.07 -0.51 29.63
CA GLY F 51 1.57 -0.75 28.29
C GLY F 51 0.26 -1.52 28.34
N VAL F 52 -0.61 -1.26 27.37
CA VAL F 52 -1.88 -1.95 27.22
C VAL F 52 -2.13 -2.27 25.75
N ALA F 53 -2.89 -3.35 25.51
CA ALA F 53 -3.32 -3.70 24.18
C ALA F 53 -4.66 -4.45 24.22
N PHE F 54 -5.45 -4.32 23.14
CA PHE F 54 -6.69 -5.09 22.95
C PHE F 54 -6.41 -6.22 22.01
N SER F 55 -6.98 -7.38 22.27
CA SER F 55 -6.97 -8.43 21.29
C SER F 55 -7.77 -7.97 20.08
N PRO F 56 -7.40 -8.39 18.87
CA PRO F 56 -8.28 -8.13 17.72
C PRO F 56 -9.70 -8.76 17.84
N ASP F 57 -9.83 -9.80 18.67
CA ASP F 57 -11.09 -10.37 19.24
C ASP F 57 -11.96 -9.33 20.03
N GLY F 58 -11.29 -8.30 20.51
CA GLY F 58 -11.91 -7.27 21.34
C GLY F 58 -12.28 -7.73 22.72
N GLN F 59 -12.12 -9.03 22.98
CA GLN F 59 -12.57 -9.58 24.24
C GLN F 59 -11.51 -9.64 25.30
N THR F 60 -10.23 -9.59 24.91
CA THR F 60 -9.16 -9.62 25.87
C THR F 60 -8.35 -8.35 25.86
N ILE F 61 -7.90 -7.96 27.04
CA ILE F 61 -7.02 -6.83 27.20
C ILE F 61 -5.77 -7.32 27.87
N ALA F 62 -4.62 -6.86 27.38
CA ALA F 62 -3.35 -7.20 28.01
C ALA F 62 -2.76 -5.95 28.62
N SER F 63 -2.12 -6.12 29.76
CA SER F 63 -1.44 -5.04 30.45
C SER F 63 -0.02 -5.45 30.85
N ALA F 64 0.93 -4.54 30.63
CA ALA F 64 2.33 -4.77 30.99
C ALA F 64 2.68 -3.88 32.16
N SER F 65 3.35 -4.46 33.15
CA SER F 65 3.60 -3.76 34.39
C SER F 65 5.04 -3.83 34.88
N ASP F 66 5.38 -2.80 35.65
CA ASP F 66 6.61 -2.72 36.39
C ASP F 66 6.77 -3.88 37.37
N ASP F 67 5.66 -4.53 37.74
CA ASP F 67 5.69 -5.70 38.63
C ASP F 67 6.21 -6.96 37.94
N LYS F 68 6.73 -6.84 36.71
CA LYS F 68 7.36 -7.93 35.94
C LYS F 68 6.39 -8.91 35.30
N THR F 69 5.10 -8.59 35.33
CA THR F 69 4.10 -9.47 34.74
C THR F 69 3.34 -8.79 33.65
N VAL F 70 2.73 -9.63 32.82
CA VAL F 70 1.66 -9.20 31.94
C VAL F 70 0.39 -9.82 32.51
N LYS F 71 -0.68 -9.05 32.56
CA LYS F 71 -1.96 -9.60 32.92
C LYS F 71 -2.95 -9.52 31.76
N LEU F 72 -3.75 -10.57 31.65
CA LEU F 72 -4.80 -10.67 30.66
C LEU F 72 -6.13 -10.56 31.35
N TRP F 73 -6.97 -9.71 30.80
CA TRP F 73 -8.28 -9.43 31.37
C TRP F 73 -9.35 -9.61 30.33
N ASN F 74 -10.55 -9.96 30.77
CA ASN F 74 -11.67 -9.85 29.88
C ASN F 74 -12.22 -8.44 29.92
N ARG F 75 -13.06 -8.17 28.94
CA ARG F 75 -13.60 -6.85 28.74
C ARG F 75 -14.49 -6.39 29.88
N ASN F 76 -15.00 -7.33 30.67
CA ASN F 76 -15.82 -7.00 31.83
C ASN F 76 -15.01 -6.88 33.10
N GLY F 77 -13.70 -6.80 32.98
CA GLY F 77 -12.85 -6.39 34.09
C GLY F 77 -12.24 -7.51 34.89
N GLN F 78 -12.51 -8.72 34.48
CA GLN F 78 -12.07 -9.88 35.18
C GLN F 78 -10.65 -10.26 34.81
N LEU F 79 -9.82 -10.53 35.81
CA LEU F 79 -8.47 -11.06 35.57
C LEU F 79 -8.53 -12.49 35.08
N LEU F 80 -7.91 -12.78 33.94
CA LEU F 80 -7.92 -14.12 33.35
C LEU F 80 -6.63 -14.86 33.59
N GLN F 81 -5.51 -14.19 33.34
CA GLN F 81 -4.21 -14.83 33.50
C GLN F 81 -3.18 -13.80 33.91
N THR F 82 -2.17 -14.28 34.62
CA THR F 82 -0.97 -13.52 34.86
C THR F 82 0.17 -14.27 34.20
N LEU F 83 0.92 -13.58 33.33
CA LEU F 83 2.03 -14.19 32.63
C LEU F 83 3.31 -13.77 33.38
N THR F 84 3.92 -14.79 33.99
CA THR F 84 5.11 -14.63 34.82
C THR F 84 6.29 -15.29 34.16
N GLY F 85 7.43 -14.63 34.23
CA GLY F 85 8.63 -15.14 33.59
C GLY F 85 9.68 -14.07 33.36
N HIS F 86 9.27 -12.84 33.05
CA HIS F 86 10.23 -11.75 32.91
C HIS F 86 10.93 -11.51 34.24
N SER F 87 12.21 -11.16 34.19
CA SER F 87 12.96 -10.91 35.43
C SER F 87 13.03 -9.40 35.76
N SER F 88 12.42 -8.56 34.94
CA SER F 88 12.38 -7.13 35.18
C SER F 88 11.12 -6.49 34.59
N SER F 89 10.97 -5.17 34.72
CA SER F 89 9.79 -4.47 34.22
C SER F 89 9.41 -4.90 32.83
N VAL F 90 8.10 -4.98 32.61
CA VAL F 90 7.55 -5.19 31.27
C VAL F 90 7.02 -3.86 30.78
N TRP F 91 7.54 -3.38 29.66
CA TRP F 91 7.16 -2.07 29.11
C TRP F 91 6.05 -2.14 28.08
N GLY F 92 6.04 -3.21 27.30
CA GLY F 92 5.17 -3.26 26.13
C GLY F 92 4.55 -4.61 25.96
N VAL F 93 3.42 -4.62 25.29
CA VAL F 93 2.68 -5.83 25.07
C VAL F 93 1.94 -5.71 23.74
N ALA F 94 1.82 -6.83 23.03
CA ALA F 94 1.09 -6.86 21.76
C ALA F 94 0.44 -8.19 21.52
N PHE F 95 -0.66 -8.14 20.78
CA PHE F 95 -1.35 -9.35 20.37
C PHE F 95 -1.03 -9.60 18.91
N SER F 96 -0.92 -10.87 18.54
CA SER F 96 -0.91 -11.24 17.14
C SER F 96 -2.27 -10.86 16.50
N PRO F 97 -2.31 -10.67 15.17
CA PRO F 97 -3.59 -10.40 14.50
C PRO F 97 -4.74 -11.38 14.75
N ASP F 98 -4.45 -12.65 14.99
CA ASP F 98 -5.53 -13.58 15.39
C ASP F 98 -5.85 -13.57 16.90
N GLY F 99 -5.11 -12.78 17.66
CA GLY F 99 -5.30 -12.70 19.11
C GLY F 99 -4.80 -13.89 19.95
N GLN F 100 -4.26 -14.93 19.31
CA GLN F 100 -3.91 -16.17 20.04
C GLN F 100 -2.49 -16.16 20.62
N THR F 101 -1.66 -15.27 20.13
CA THR F 101 -0.34 -15.10 20.70
C THR F 101 -0.17 -13.71 21.27
N ILE F 102 0.50 -13.63 22.42
CA ILE F 102 0.84 -12.36 23.06
C ILE F 102 2.34 -12.23 23.11
N ALA F 103 2.81 -11.04 22.81
CA ALA F 103 4.24 -10.72 22.88
C ALA F 103 4.46 -9.66 23.93
N SER F 104 5.49 -9.85 24.73
CA SER F 104 5.83 -8.90 25.79
C SER F 104 7.26 -8.41 25.65
N ALA F 105 7.45 -7.13 25.92
CA ALA F 105 8.76 -6.47 25.80
C ALA F 105 9.24 -5.99 27.16
N SER F 106 10.41 -6.45 27.56
CA SER F 106 10.88 -6.24 28.93
C SER F 106 12.25 -5.57 29.05
N ASP F 107 12.39 -4.88 30.17
CA ASP F 107 13.64 -4.32 30.62
C ASP F 107 14.74 -5.38 30.77
N ASP F 108 14.34 -6.66 30.93
CA ASP F 108 15.31 -7.76 30.99
C ASP F 108 15.95 -8.14 29.65
N LYS F 109 15.69 -7.34 28.61
CA LYS F 109 16.34 -7.45 27.29
C LYS F 109 15.76 -8.54 26.40
N THR F 110 14.61 -9.09 26.79
CA THR F 110 14.00 -10.14 26.01
C THR F 110 12.58 -9.77 25.60
N VAL F 111 12.14 -10.39 24.51
CA VAL F 111 10.73 -10.45 24.18
C VAL F 111 10.29 -11.86 24.51
N LYS F 112 9.13 -11.98 25.13
CA LYS F 112 8.56 -13.30 25.36
C LYS F 112 7.25 -13.44 24.60
N LEU F 113 7.01 -14.64 24.06
CA LEU F 113 5.78 -14.98 23.39
C LEU F 113 5.00 -15.99 24.22
N TRP F 114 3.70 -15.70 24.36
CA TRP F 114 2.81 -16.48 25.21
C TRP F 114 1.51 -16.83 24.48
N ASN F 115 0.84 -17.89 24.93
CA ASN F 115 -0.55 -18.14 24.54
C ASN F 115 -1.50 -17.56 25.55
N ARG F 116 -2.78 -17.61 25.24
CA ARG F 116 -3.82 -17.05 26.09
C ARG F 116 -4.04 -17.79 27.39
N ASN F 117 -3.55 -19.02 27.50
CA ASN F 117 -3.58 -19.72 28.77
C ASN F 117 -2.38 -19.45 29.63
N GLY F 118 -1.56 -18.49 29.21
CA GLY F 118 -0.47 -18.04 30.05
C GLY F 118 0.79 -18.84 29.91
N GLN F 119 0.82 -19.76 28.95
CA GLN F 119 2.01 -20.59 28.76
C GLN F 119 3.09 -19.84 27.95
N LEU F 120 4.32 -19.88 28.46
CA LEU F 120 5.44 -19.29 27.76
C LEU F 120 5.80 -20.18 26.58
N LEU F 121 5.76 -19.61 25.38
CA LEU F 121 6.07 -20.36 24.15
C LEU F 121 7.52 -20.17 23.70
N GLN F 122 8.02 -18.95 23.77
CA GLN F 122 9.36 -18.58 23.24
C GLN F 122 9.91 -17.40 24.01
N THR F 123 11.23 -17.36 24.14
CA THR F 123 11.92 -16.17 24.58
C THR F 123 12.85 -15.72 23.45
N LEU F 124 12.69 -14.47 22.99
CA LEU F 124 13.54 -13.93 21.93
C LEU F 124 14.69 -13.16 22.59
N THR F 125 15.89 -13.67 22.46
CA THR F 125 17.07 -13.06 23.08
C THR F 125 18.02 -12.61 21.99
N GLY F 126 18.73 -11.52 22.26
CA GLY F 126 19.56 -10.92 21.23
C GLY F 126 19.74 -9.43 21.41
N HIS F 127 18.72 -8.73 21.89
CA HIS F 127 18.88 -7.33 22.27
C HIS F 127 19.87 -7.16 23.42
N SER F 128 20.74 -6.15 23.32
CA SER F 128 21.74 -5.90 24.34
C SER F 128 21.23 -4.89 25.37
N SER F 129 19.97 -4.48 25.26
CA SER F 129 19.44 -3.43 26.10
C SER F 129 17.91 -3.62 26.29
N SER F 130 17.35 -2.91 27.27
CA SER F 130 15.93 -2.92 27.54
C SER F 130 15.12 -2.86 26.25
N VAL F 131 14.11 -3.73 26.14
CA VAL F 131 13.22 -3.78 24.99
C VAL F 131 11.94 -3.09 25.40
N TRP F 132 11.61 -1.98 24.73
CA TRP F 132 10.46 -1.18 25.12
C TRP F 132 9.24 -1.38 24.25
N GLY F 133 9.46 -1.81 23.01
CA GLY F 133 8.39 -1.96 22.07
C GLY F 133 8.39 -3.29 21.37
N VAL F 134 7.21 -3.80 21.09
CA VAL F 134 7.06 -5.00 20.31
C VAL F 134 5.76 -4.90 19.49
N ALA F 135 5.79 -5.40 18.26
CA ALA F 135 4.62 -5.44 17.39
C ALA F 135 4.68 -6.60 16.42
N PHE F 136 3.52 -7.14 16.07
CA PHE F 136 3.42 -8.15 15.03
C PHE F 136 3.19 -7.47 13.70
N SER F 137 3.70 -8.06 12.63
CA SER F 137 3.37 -7.61 11.29
C SER F 137 1.87 -7.91 11.04
N PRO F 138 1.24 -7.24 10.05
CA PRO F 138 -0.17 -7.46 9.73
C PRO F 138 -0.52 -8.90 9.36
N ASP F 139 0.37 -9.63 8.69
CA ASP F 139 0.11 -11.04 8.43
C ASP F 139 0.41 -11.93 9.65
N GLY F 140 1.11 -11.38 10.64
CA GLY F 140 1.34 -12.07 11.91
C GLY F 140 2.51 -13.02 11.92
N GLN F 141 3.23 -13.09 10.80
CA GLN F 141 4.32 -14.04 10.68
C GLN F 141 5.66 -13.45 11.13
N THR F 142 5.75 -12.12 11.22
CA THR F 142 6.96 -11.45 11.68
C THR F 142 6.68 -10.66 12.95
N ILE F 143 7.64 -10.68 13.87
CA ILE F 143 7.58 -9.89 15.08
C ILE F 143 8.68 -8.87 15.01
N ALA F 144 8.36 -7.61 15.34
CA ALA F 144 9.35 -6.55 15.43
C ALA F 144 9.49 -6.08 16.86
N SER F 145 10.72 -5.89 17.31
CA SER F 145 11.01 -5.40 18.67
C SER F 145 11.97 -4.24 18.60
N ALA F 146 11.77 -3.28 19.49
CA ALA F 146 12.58 -2.08 19.52
C ALA F 146 13.19 -1.97 20.90
N SER F 147 14.47 -1.66 20.93
CA SER F 147 15.23 -1.62 22.16
C SER F 147 15.81 -0.19 22.36
N ASP F 148 16.20 0.12 23.59
CA ASP F 148 16.89 1.37 23.89
C ASP F 148 18.20 1.64 23.12
N ASP F 149 18.86 0.60 22.64
CA ASP F 149 20.04 0.77 21.75
C ASP F 149 19.66 1.24 20.32
N LYS F 150 18.39 1.62 20.15
CA LYS F 150 17.84 2.09 18.88
C LYS F 150 17.86 1.02 17.77
N THR F 151 18.04 -0.26 18.14
CA THR F 151 18.05 -1.28 17.11
C THR F 151 16.64 -1.79 17.15
N VAL F 152 16.21 -2.23 15.98
CA VAL F 152 14.96 -2.91 15.80
C VAL F 152 15.32 -4.26 15.22
N LYS F 153 14.72 -5.30 15.79
CA LYS F 153 15.00 -6.65 15.35
C LYS F 153 13.73 -7.27 14.85
N LEU F 154 13.86 -8.02 13.77
CA LEU F 154 12.75 -8.74 13.18
C LEU F 154 12.94 -10.20 13.42
N TRP F 155 11.88 -10.84 13.89
CA TRP F 155 11.93 -12.26 14.22
C TRP F 155 10.79 -12.98 13.53
N ASN F 156 10.99 -14.26 13.24
CA ASN F 156 9.86 -15.11 12.86
C ASN F 156 9.16 -15.63 14.10
N ARG F 157 8.05 -16.28 13.85
CA ARG F 157 7.14 -16.74 14.85
C ARG F 157 7.72 -17.91 15.69
N ASN F 158 8.68 -18.62 15.11
CA ASN F 158 9.47 -19.61 15.84
C ASN F 158 10.66 -19.08 16.64
N GLY F 159 10.78 -17.77 16.76
CA GLY F 159 11.80 -17.17 17.61
C GLY F 159 13.17 -16.99 16.98
N GLN F 160 13.26 -17.22 15.69
CA GLN F 160 14.48 -17.01 14.99
C GLN F 160 14.67 -15.55 14.57
N LEU F 161 15.87 -15.00 14.78
CA LEU F 161 16.21 -13.65 14.36
C LEU F 161 16.36 -13.64 12.85
N LEU F 162 15.61 -12.78 12.18
CA LEU F 162 15.68 -12.63 10.72
C LEU F 162 16.60 -11.51 10.30
N GLN F 163 16.44 -10.34 10.92
CA GLN F 163 17.30 -9.21 10.58
C GLN F 163 17.30 -8.20 11.72
N THR F 164 18.35 -7.39 11.72
CA THR F 164 18.48 -6.27 12.65
C THR F 164 18.59 -4.98 11.83
N LEU F 165 17.78 -4.00 12.20
CA LEU F 165 17.82 -2.64 11.63
C LEU F 165 18.22 -1.64 12.72
N THR F 166 18.61 -0.42 12.41
CA THR F 166 18.74 0.53 13.50
C THR F 166 18.32 1.90 13.00
N GLY F 167 18.03 2.76 13.97
CA GLY F 167 17.84 4.16 13.71
C GLY F 167 19.16 4.95 13.75
N HIS F 168 20.29 4.23 13.81
CA HIS F 168 21.62 4.87 13.67
C HIS F 168 22.02 5.01 12.20
ZN ZN G . -39.21 -19.30 10.20
ZN ZN H . -15.61 -17.68 -21.86
ZN ZN I . -27.42 -21.52 -3.71
ZN ZN J . -39.26 -19.12 13.10
ZN ZN K . 0.98 1.68 -34.04
ZN ZN L . 34.90 24.26 -23.31
#